data_7YX9
#
_entry.id   7YX9
#
_cell.length_a   57.712
_cell.length_b   120.803
_cell.length_c   68.236
_cell.angle_alpha   90.000
_cell.angle_beta   108.840
_cell.angle_gamma   90.000
#
_symmetry.space_group_name_H-M   'P 1 21 1'
#
loop_
_entity.id
_entity.type
_entity.pdbx_description
1 polymer 'HLA class II histocompatibility antigen, DR alpha chain'
2 polymer 'MHC class II antigen'
3 polymer 'CLIP 103-107'
4 non-polymer 1,2-ETHANEDIOL
5 water water
#
loop_
_entity_poly.entity_id
_entity_poly.type
_entity_poly.pdbx_seq_one_letter_code
_entity_poly.pdbx_strand_id
1 'polypeptide(L)'
;IKEEHVIIQAEFYLNPDQSGEFMFDFDGDEIFHVDMAKKETVWRLEEFGRFASFEAQGALANIAVDKANLEIMTKRSNYT
PITNVPPEVTVLTNSPVELREPNVLICFIDKFTPPVVNVTWLRNGKPVTTGVSETVFLPREDHLFRKFHYLPFLPSTEDV
YDCRVEHWGLDEPLLKHWEFDAPSPLPETTEV
;
A,C
2 'polypeptide(L)'
;GNSGGGSLVPRGSGGGGSGDTRPRFLWQLKFECHFFNGTERVRLLERCIYNQEESVRFDSDVGEYRAVTELGRPDAEYWN
SQKDLLEQRRAAVDTYCRHNYGAVESFTVQRRVEPKVTVYPSKTQPLQHHNLLVCSVSGFYPGSIEVRWFRNGQEEKAGV
VSTGLIQNGDWTFQTLVMLETVPRSGEVYTCQVEHPSVTSPLTVEWRARSESAQSKV
;
B,D
3 'polypeptide(L)' PVSKMRMATPLLMQA E,G
#
# COMPACT_ATOMS: atom_id res chain seq x y z
N GLU A 3 8.12 7.94 4.51
CA GLU A 3 6.87 8.65 4.28
C GLU A 3 6.08 8.90 5.55
N GLU A 4 6.11 10.14 6.01
CA GLU A 4 5.46 10.45 7.27
C GLU A 4 3.95 10.57 7.10
N HIS A 5 3.47 11.33 6.10
CA HIS A 5 2.05 11.69 6.12
C HIS A 5 1.50 11.77 4.69
N VAL A 6 0.19 11.53 4.58
CA VAL A 6 -0.50 11.56 3.30
C VAL A 6 -1.79 12.32 3.47
N ILE A 7 -2.01 13.34 2.64
CA ILE A 7 -3.27 14.05 2.58
C ILE A 7 -3.93 13.70 1.26
N ILE A 8 -5.19 13.24 1.31
CA ILE A 8 -5.90 12.81 0.11
C ILE A 8 -7.16 13.64 -0.06
N GLN A 9 -7.31 14.24 -1.25
CA GLN A 9 -8.58 14.79 -1.67
C GLN A 9 -9.31 13.70 -2.45
N ALA A 10 -10.42 13.19 -1.91
CA ALA A 10 -11.11 12.05 -2.54
C ALA A 10 -12.52 12.49 -2.93
N GLU A 11 -12.87 12.33 -4.21
CA GLU A 11 -14.19 12.68 -4.71
C GLU A 11 -14.76 11.49 -5.46
N PHE A 12 -16.08 11.46 -5.58
CA PHE A 12 -16.66 10.45 -6.44
C PHE A 12 -18.00 10.92 -6.96
N TYR A 13 -18.43 10.27 -8.06
CA TYR A 13 -19.77 10.45 -8.59
C TYR A 13 -20.30 9.09 -8.99
N LEU A 14 -21.54 8.82 -8.60
CA LEU A 14 -22.17 7.51 -8.82
C LEU A 14 -23.47 7.70 -9.60
N ASN A 15 -23.59 6.98 -10.73
CA ASN A 15 -24.85 6.92 -11.49
C ASN A 15 -25.43 5.52 -11.37
N PRO A 16 -26.77 5.34 -11.42
CA PRO A 16 -27.77 6.40 -11.71
C PRO A 16 -28.20 7.20 -10.50
N ASP A 17 -27.64 6.88 -9.34
CA ASP A 17 -28.06 7.52 -8.09
C ASP A 17 -27.85 9.02 -8.11
N GLN A 18 -26.92 9.52 -8.93
CA GLN A 18 -26.55 10.92 -8.95
C GLN A 18 -26.14 11.38 -7.57
N SER A 19 -25.25 10.60 -6.97
CA SER A 19 -24.72 10.91 -5.66
C SER A 19 -23.25 11.22 -5.83
N GLY A 20 -22.82 12.32 -5.20
CA GLY A 20 -21.45 12.77 -5.39
C GLY A 20 -20.93 13.20 -4.05
N GLU A 21 -19.69 12.89 -3.72
CA GLU A 21 -19.13 13.25 -2.43
C GLU A 21 -17.74 13.85 -2.63
N PHE A 22 -17.30 14.65 -1.65
CA PHE A 22 -16.03 15.37 -1.73
C PHE A 22 -15.48 15.43 -0.31
N MET A 23 -14.29 14.87 -0.08
CA MET A 23 -13.71 14.93 1.26
C MET A 23 -12.20 14.98 1.20
N PHE A 24 -11.60 15.44 2.30
CA PHE A 24 -10.17 15.35 2.55
C PHE A 24 -9.90 14.37 3.69
N ASP A 25 -8.83 13.58 3.52
CA ASP A 25 -8.38 12.55 4.44
C ASP A 25 -6.94 12.86 4.87
N PHE A 26 -6.64 12.71 6.16
CA PHE A 26 -5.26 12.78 6.64
C PHE A 26 -4.94 11.46 7.34
N ASP A 27 -3.99 10.71 6.80
CA ASP A 27 -3.51 9.46 7.41
C ASP A 27 -4.65 8.54 7.82
N GLY A 28 -5.76 8.57 7.08
CA GLY A 28 -6.89 7.69 7.34
C GLY A 28 -8.05 8.31 8.08
N ASP A 29 -7.91 9.55 8.57
CA ASP A 29 -9.03 10.23 9.21
C ASP A 29 -9.55 11.34 8.31
N GLU A 30 -10.85 11.58 8.38
CA GLU A 30 -11.47 12.62 7.58
C GLU A 30 -11.19 14.00 8.17
N ILE A 31 -10.62 14.91 7.37
CA ILE A 31 -10.50 16.30 7.82
C ILE A 31 -11.82 17.00 7.71
N PHE A 32 -12.44 16.95 6.52
CA PHE A 32 -13.76 17.53 6.34
C PHE A 32 -14.39 16.88 5.12
N HIS A 33 -15.68 17.17 4.94
CA HIS A 33 -16.32 16.90 3.68
C HIS A 33 -17.22 18.07 3.36
N VAL A 34 -17.69 18.10 2.12
CA VAL A 34 -18.64 19.15 1.71
C VAL A 34 -20.03 18.54 1.63
N ASP A 35 -20.99 19.10 2.37
CA ASP A 35 -22.39 18.78 2.19
C ASP A 35 -22.85 19.38 0.89
N MET A 36 -23.06 18.55 -0.14
CA MET A 36 -23.43 19.08 -1.45
C MET A 36 -24.74 19.85 -1.39
N ALA A 37 -25.72 19.33 -0.65
CA ALA A 37 -27.05 19.92 -0.65
C ALA A 37 -27.06 21.27 0.04
N LYS A 38 -26.34 21.40 1.16
CA LYS A 38 -26.28 22.68 1.86
C LYS A 38 -25.14 23.55 1.36
N LYS A 39 -24.26 23.06 0.49
CA LYS A 39 -23.11 23.83 0.04
C LYS A 39 -22.25 24.29 1.22
N GLU A 40 -21.91 23.35 2.09
CA GLU A 40 -21.32 23.65 3.39
C GLU A 40 -20.12 22.76 3.65
N THR A 41 -19.01 23.35 4.07
CA THR A 41 -17.84 22.61 4.56
C THR A 41 -18.15 22.08 5.96
N VAL A 42 -18.07 20.76 6.14
CA VAL A 42 -18.37 20.14 7.44
C VAL A 42 -17.08 19.56 8.00
N TRP A 43 -16.52 20.23 9.02
CA TRP A 43 -15.27 19.78 9.63
C TRP A 43 -15.53 18.56 10.53
N ARG A 44 -14.66 17.54 10.44
CA ARG A 44 -14.93 16.30 11.15
C ARG A 44 -15.02 16.53 12.65
N LEU A 45 -14.11 17.34 13.19
CA LEU A 45 -14.18 17.87 14.55
C LEU A 45 -14.40 19.37 14.43
N GLU A 46 -15.34 19.89 15.23
CA GLU A 46 -15.69 21.32 15.12
C GLU A 46 -14.46 22.22 15.25
N GLU A 47 -13.49 21.83 16.09
CA GLU A 47 -12.33 22.70 16.36
C GLU A 47 -11.51 22.95 15.12
N PHE A 48 -11.57 22.05 14.12
CA PHE A 48 -10.77 22.25 12.91
C PHE A 48 -11.08 23.58 12.25
N GLY A 49 -12.36 23.95 12.23
CA GLY A 49 -12.82 25.18 11.61
C GLY A 49 -12.35 26.44 12.31
N ARG A 50 -11.76 26.30 13.49
CA ARG A 50 -11.07 27.40 14.13
C ARG A 50 -9.71 27.68 13.51
N PHE A 51 -9.09 26.69 12.87
CA PHE A 51 -7.76 26.85 12.30
C PHE A 51 -7.74 26.91 10.79
N ALA A 52 -8.74 26.36 10.11
CA ALA A 52 -8.70 26.25 8.65
C ALA A 52 -10.07 26.58 8.05
N SER A 53 -10.07 26.91 6.77
CA SER A 53 -11.32 27.13 6.06
C SER A 53 -11.23 26.56 4.65
N PHE A 54 -12.39 26.29 4.08
CA PHE A 54 -12.47 25.76 2.72
C PHE A 54 -13.74 26.26 2.08
N GLU A 55 -13.62 26.75 0.86
CA GLU A 55 -14.77 27.29 0.12
C GLU A 55 -15.55 26.15 -0.52
N ALA A 56 -16.72 25.85 0.05
CA ALA A 56 -17.47 24.66 -0.33
C ALA A 56 -17.93 24.71 -1.79
N GLN A 57 -18.18 25.90 -2.33
CA GLN A 57 -18.73 26.01 -3.67
C GLN A 57 -17.82 25.37 -4.71
N GLY A 58 -16.51 25.39 -4.47
CA GLY A 58 -15.58 24.78 -5.40
C GLY A 58 -15.77 23.27 -5.52
N ALA A 59 -16.20 22.63 -4.44
CA ALA A 59 -16.47 21.20 -4.48
C ALA A 59 -17.62 20.86 -5.42
N LEU A 60 -18.62 21.72 -5.51
CA LEU A 60 -19.74 21.46 -6.42
C LEU A 60 -19.29 21.52 -7.87
N ALA A 61 -18.36 22.42 -8.18
CA ALA A 61 -17.84 22.52 -9.54
C ALA A 61 -17.04 21.27 -9.90
N ASN A 62 -16.27 20.77 -8.94
CA ASN A 62 -15.55 19.53 -9.16
C ASN A 62 -16.50 18.37 -9.44
N ILE A 63 -17.58 18.26 -8.65
CA ILE A 63 -18.48 17.12 -8.80
C ILE A 63 -19.18 17.19 -10.16
N ALA A 64 -19.42 18.40 -10.67
CA ALA A 64 -20.05 18.51 -11.99
C ALA A 64 -19.15 17.96 -13.09
N VAL A 65 -17.83 18.21 -12.99
CA VAL A 65 -16.87 17.65 -13.95
C VAL A 65 -16.77 16.14 -13.79
N ASP A 66 -16.72 15.66 -12.55
CA ASP A 66 -16.71 14.22 -12.28
C ASP A 66 -17.91 13.53 -12.92
N LYS A 67 -19.08 14.15 -12.83
CA LYS A 67 -20.29 13.57 -13.43
C LYS A 67 -20.15 13.49 -14.94
N ALA A 68 -19.70 14.59 -15.56
CA ALA A 68 -19.48 14.58 -17.01
C ALA A 68 -18.47 13.51 -17.39
N ASN A 69 -17.37 13.39 -16.63
CA ASN A 69 -16.35 12.41 -16.99
C ASN A 69 -16.87 11.00 -16.79
N LEU A 70 -17.63 10.78 -15.71
CA LEU A 70 -18.24 9.47 -15.49
C LEU A 70 -19.09 9.07 -16.68
N GLU A 71 -19.87 10.01 -17.21
CA GLU A 71 -20.77 9.62 -18.30
C GLU A 71 -20.01 9.35 -19.57
N ILE A 72 -18.89 10.04 -19.79
CA ILE A 72 -18.02 9.68 -20.91
C ILE A 72 -17.39 8.29 -20.71
N MET A 73 -16.90 8.00 -19.50
CA MET A 73 -16.27 6.70 -19.23
C MET A 73 -17.27 5.56 -19.32
N THR A 74 -18.52 5.80 -18.89
CA THR A 74 -19.55 4.77 -18.96
C THR A 74 -19.78 4.36 -20.40
N LYS A 75 -20.01 5.34 -21.29
CA LYS A 75 -20.16 5.05 -22.71
C LYS A 75 -18.92 4.39 -23.29
N ARG A 76 -17.73 4.93 -22.96
CA ARG A 76 -16.49 4.36 -23.46
C ARG A 76 -16.34 2.90 -23.07
N SER A 77 -16.80 2.54 -21.88
CA SER A 77 -16.70 1.15 -21.43
C SER A 77 -17.80 0.27 -22.00
N ASN A 78 -18.60 0.79 -22.94
CA ASN A 78 -19.77 0.08 -23.45
C ASN A 78 -20.71 -0.27 -22.29
N TYR A 79 -20.86 0.68 -21.38
CA TYR A 79 -21.77 0.56 -20.24
C TYR A 79 -21.48 -0.67 -19.40
N THR A 80 -20.20 -0.92 -19.13
CA THR A 80 -19.82 -1.97 -18.17
C THR A 80 -20.09 -1.48 -16.75
N PRO A 81 -20.91 -2.18 -15.98
CA PRO A 81 -21.25 -1.73 -14.62
C PRO A 81 -20.25 -2.22 -13.59
N ILE A 82 -20.32 -1.58 -12.42
CA ILE A 82 -19.45 -1.98 -11.32
C ILE A 82 -19.87 -3.35 -10.78
N THR A 83 -18.89 -4.13 -10.33
CA THR A 83 -19.17 -5.36 -9.61
C THR A 83 -19.35 -5.03 -8.14
N ASN A 84 -20.47 -5.44 -7.56
CA ASN A 84 -20.72 -5.15 -6.16
C ASN A 84 -19.71 -5.91 -5.30
N VAL A 85 -19.23 -5.26 -4.25
CA VAL A 85 -18.37 -5.91 -3.26
C VAL A 85 -19.05 -5.71 -1.91
N PRO A 86 -19.58 -6.77 -1.28
CA PRO A 86 -20.36 -6.58 -0.05
C PRO A 86 -19.48 -6.21 1.11
N PRO A 87 -20.01 -5.51 2.11
CA PRO A 87 -19.19 -5.01 3.21
C PRO A 87 -18.91 -6.09 4.23
N GLU A 88 -17.84 -5.89 4.98
CA GLU A 88 -17.73 -6.60 6.23
C GLU A 88 -18.03 -5.61 7.35
N VAL A 89 -18.69 -6.10 8.40
CA VAL A 89 -19.31 -5.22 9.38
C VAL A 89 -18.83 -5.64 10.77
N THR A 90 -18.43 -4.67 11.57
CA THR A 90 -17.92 -4.88 12.91
C THR A 90 -18.65 -3.95 13.86
N VAL A 91 -19.16 -4.47 14.99
CA VAL A 91 -19.77 -3.63 16.01
C VAL A 91 -18.88 -3.65 17.23
N LEU A 92 -18.56 -2.47 17.74
CA LEU A 92 -17.75 -2.37 18.94
C LEU A 92 -18.16 -1.14 19.73
N THR A 93 -17.58 -0.98 20.92
CA THR A 93 -17.83 0.22 21.68
C THR A 93 -16.60 1.11 21.74
N ASN A 94 -16.86 2.36 22.09
CA ASN A 94 -15.80 3.37 22.20
C ASN A 94 -14.84 3.06 23.33
N SER A 95 -15.33 2.44 24.40
CA SER A 95 -14.59 2.21 25.63
CA SER A 95 -14.58 2.21 25.63
C SER A 95 -15.16 0.96 26.29
N PRO A 96 -14.42 0.33 27.20
CA PRO A 96 -14.97 -0.88 27.83
C PRO A 96 -16.30 -0.57 28.49
N VAL A 97 -17.20 -1.54 28.45
CA VAL A 97 -18.58 -1.32 28.85
C VAL A 97 -18.75 -1.46 30.36
N GLU A 98 -19.39 -0.47 30.98
CA GLU A 98 -19.78 -0.54 32.37
C GLU A 98 -21.27 -0.20 32.50
N LEU A 99 -21.99 -0.97 33.31
CA LEU A 99 -23.43 -0.77 33.45
C LEU A 99 -23.74 0.66 33.84
N ARG A 100 -24.76 1.21 33.19
CA ARG A 100 -25.23 2.60 33.31
C ARG A 100 -24.10 3.65 33.29
N GLU A 101 -22.96 3.35 32.68
CA GLU A 101 -22.00 4.38 32.33
C GLU A 101 -22.13 4.71 30.85
N PRO A 102 -22.39 5.95 30.48
CA PRO A 102 -22.61 6.27 29.06
C PRO A 102 -21.46 5.80 28.19
N ASN A 103 -21.80 5.28 27.01
CA ASN A 103 -20.83 4.72 26.09
C ASN A 103 -21.33 5.01 24.67
N VAL A 104 -20.60 4.52 23.67
CA VAL A 104 -20.99 4.70 22.27
C VAL A 104 -20.80 3.38 21.53
N LEU A 105 -21.85 2.91 20.86
CA LEU A 105 -21.69 1.79 19.96
C LEU A 105 -21.19 2.30 18.61
N ILE A 106 -20.21 1.58 18.03
CA ILE A 106 -19.65 1.93 16.72
C ILE A 106 -19.95 0.79 15.77
N CYS A 107 -20.55 1.11 14.62
CA CYS A 107 -20.75 0.14 13.55
C CYS A 107 -19.77 0.51 12.44
N PHE A 108 -18.79 -0.35 12.22
CA PHE A 108 -17.76 -0.09 11.22
C PHE A 108 -18.04 -0.94 9.99
N ILE A 109 -18.29 -0.29 8.87
CA ILE A 109 -18.68 -0.93 7.63
C ILE A 109 -17.51 -0.77 6.67
N ASP A 110 -16.98 -1.87 6.16
CA ASP A 110 -15.65 -1.83 5.56
C ASP A 110 -15.62 -2.62 4.27
N LYS A 111 -14.71 -2.23 3.36
CA LYS A 111 -14.34 -3.05 2.19
C LYS A 111 -15.52 -3.31 1.24
N PHE A 112 -16.23 -2.26 0.86
CA PHE A 112 -17.40 -2.43 0.01
C PHE A 112 -17.41 -1.37 -1.10
N THR A 113 -18.12 -1.69 -2.16
CA THR A 113 -18.44 -0.74 -3.24
C THR A 113 -19.64 -1.35 -3.96
N PRO A 114 -20.52 -0.51 -4.60
CA PRO A 114 -20.49 0.95 -4.65
C PRO A 114 -20.81 1.57 -3.30
N PRO A 115 -20.57 2.87 -3.18
CA PRO A 115 -20.77 3.56 -1.88
C PRO A 115 -22.23 3.92 -1.63
N VAL A 116 -23.04 2.89 -1.42
CA VAL A 116 -24.45 3.08 -1.07
C VAL A 116 -24.81 2.02 -0.04
N VAL A 117 -25.28 2.46 1.12
CA VAL A 117 -25.71 1.51 2.15
C VAL A 117 -26.95 2.06 2.82
N ASN A 118 -27.79 1.15 3.31
CA ASN A 118 -28.85 1.51 4.23
C ASN A 118 -28.50 0.91 5.59
N VAL A 119 -28.35 1.76 6.60
CA VAL A 119 -27.89 1.34 7.92
C VAL A 119 -28.94 1.72 8.95
N THR A 120 -29.32 0.76 9.80
CA THR A 120 -30.27 0.98 10.89
C THR A 120 -29.71 0.38 12.16
N TRP A 121 -29.74 1.14 13.25
CA TRP A 121 -29.47 0.57 14.57
C TRP A 121 -30.77 -0.03 15.11
N LEU A 122 -30.69 -1.24 15.65
CA LEU A 122 -31.84 -1.89 16.27
C LEU A 122 -31.53 -2.16 17.73
N ARG A 123 -32.45 -1.78 18.61
CA ARG A 123 -32.37 -2.09 20.03
C ARG A 123 -33.53 -3.03 20.34
N ASN A 124 -33.21 -4.25 20.74
CA ASN A 124 -34.23 -5.27 20.99
C ASN A 124 -35.12 -5.45 19.76
N GLY A 125 -34.52 -5.42 18.57
CA GLY A 125 -35.24 -5.65 17.34
C GLY A 125 -35.94 -4.45 16.75
N LYS A 126 -35.89 -3.30 17.40
CA LYS A 126 -36.62 -2.13 16.96
C LYS A 126 -35.65 -1.00 16.60
N PRO A 127 -35.96 -0.23 15.56
CA PRO A 127 -35.05 0.85 15.13
C PRO A 127 -34.92 1.95 16.18
N VAL A 128 -33.68 2.46 16.31
CA VAL A 128 -33.37 3.57 17.19
C VAL A 128 -32.67 4.65 16.36
N THR A 129 -33.11 5.90 16.54
CA THR A 129 -32.50 7.04 15.86
C THR A 129 -32.01 8.12 16.81
N THR A 130 -32.27 8.02 18.12
CA THR A 130 -31.91 9.09 19.04
C THR A 130 -30.40 9.20 19.18
N GLY A 131 -29.87 10.38 18.85
CA GLY A 131 -28.46 10.64 19.07
C GLY A 131 -27.52 9.97 18.09
N VAL A 132 -28.04 9.28 17.08
CA VAL A 132 -27.16 8.61 16.13
C VAL A 132 -26.42 9.63 15.29
N SER A 133 -25.27 9.20 14.76
CA SER A 133 -24.54 9.97 13.77
C SER A 133 -23.78 9.01 12.85
N GLU A 134 -23.21 9.56 11.79
CA GLU A 134 -22.52 8.72 10.82
C GLU A 134 -21.47 9.55 10.09
N THR A 135 -20.54 8.87 9.46
CA THR A 135 -19.59 9.52 8.57
C THR A 135 -20.05 9.38 7.13
N VAL A 136 -19.41 10.17 6.25
CA VAL A 136 -19.59 9.94 4.82
C VAL A 136 -18.80 8.71 4.40
N PHE A 137 -18.73 8.44 3.11
CA PHE A 137 -18.03 7.26 2.62
C PHE A 137 -16.55 7.59 2.54
N LEU A 138 -15.74 6.83 3.25
CA LEU A 138 -14.32 7.12 3.42
C LEU A 138 -13.48 6.25 2.50
N PRO A 139 -12.36 6.76 2.01
CA PRO A 139 -11.58 6.03 1.01
C PRO A 139 -10.73 4.91 1.61
N ARG A 140 -10.41 3.93 0.77
CA ARG A 140 -9.42 2.89 1.04
C ARG A 140 -8.43 2.81 -0.12
N GLU A 141 -7.22 2.31 0.17
CA GLU A 141 -6.20 2.18 -0.87
C GLU A 141 -6.60 1.22 -1.99
N ASP A 142 -7.44 0.22 -1.70
CA ASP A 142 -7.92 -0.67 -2.76
C ASP A 142 -9.15 -0.09 -3.50
N HIS A 143 -9.51 1.15 -3.18
CA HIS A 143 -10.60 1.94 -3.77
C HIS A 143 -11.98 1.43 -3.38
N LEU A 144 -12.05 0.50 -2.43
CA LEU A 144 -13.31 0.25 -1.75
C LEU A 144 -13.55 1.39 -0.75
N PHE A 145 -14.61 1.28 0.03
CA PHE A 145 -15.03 2.33 0.95
C PHE A 145 -15.12 1.83 2.39
N ARG A 146 -15.03 2.77 3.34
CA ARG A 146 -15.28 2.57 4.77
C ARG A 146 -16.38 3.52 5.20
N LYS A 147 -17.05 3.18 6.31
CA LYS A 147 -18.07 4.07 6.86
C LYS A 147 -18.29 3.73 8.33
N PHE A 148 -18.52 4.75 9.16
CA PHE A 148 -18.79 4.53 10.58
C PHE A 148 -20.16 5.06 10.92
N HIS A 149 -20.90 4.30 11.73
CA HIS A 149 -22.15 4.77 12.33
C HIS A 149 -22.02 4.66 13.83
N TYR A 150 -22.59 5.64 14.55
CA TYR A 150 -22.42 5.74 15.99
C TYR A 150 -23.75 5.82 16.72
N LEU A 151 -23.83 5.21 17.90
CA LEU A 151 -25.04 5.20 18.71
C LEU A 151 -24.66 5.35 20.19
N PRO A 152 -24.78 6.56 20.73
CA PRO A 152 -24.62 6.71 22.19
C PRO A 152 -25.64 5.83 22.92
N PHE A 153 -25.22 5.22 24.02
CA PHE A 153 -26.14 4.34 24.70
C PHE A 153 -25.72 4.19 26.16
N LEU A 154 -26.67 3.74 26.96
CA LEU A 154 -26.40 3.47 28.36
C LEU A 154 -26.45 1.96 28.55
N PRO A 155 -25.33 1.33 28.86
CA PRO A 155 -25.27 -0.13 28.91
C PRO A 155 -26.26 -0.70 29.92
N SER A 156 -26.84 -1.85 29.57
CA SER A 156 -27.81 -2.52 30.41
C SER A 156 -27.78 -4.00 30.09
N THR A 157 -28.01 -4.84 31.11
CA THR A 157 -28.12 -6.27 30.86
C THR A 157 -29.39 -6.63 30.10
N GLU A 158 -30.33 -5.71 29.97
CA GLU A 158 -31.63 -6.01 29.40
C GLU A 158 -31.78 -5.58 27.94
N ASP A 159 -30.78 -4.94 27.35
CA ASP A 159 -30.85 -4.47 25.96
C ASP A 159 -29.89 -5.28 25.09
N VAL A 160 -30.33 -5.61 23.87
CA VAL A 160 -29.49 -6.20 22.85
C VAL A 160 -29.54 -5.27 21.64
N TYR A 161 -28.49 -5.25 20.85
CA TYR A 161 -28.40 -4.34 19.72
C TYR A 161 -27.98 -5.11 18.47
N ASP A 162 -28.43 -4.60 17.32
CA ASP A 162 -27.95 -5.02 16.01
C ASP A 162 -27.66 -3.79 15.16
N CYS A 163 -26.58 -3.83 14.41
CA CYS A 163 -26.38 -2.87 13.32
C CYS A 163 -26.83 -3.60 12.06
N ARG A 164 -27.87 -3.12 11.42
CA ARG A 164 -28.39 -3.76 10.21
C ARG A 164 -27.88 -3.00 8.99
N VAL A 165 -27.19 -3.70 8.09
CA VAL A 165 -26.55 -3.10 6.93
C VAL A 165 -27.11 -3.76 5.67
N GLU A 166 -27.64 -2.94 4.78
CA GLU A 166 -28.11 -3.39 3.49
C GLU A 166 -27.18 -2.86 2.41
N HIS A 167 -26.82 -3.74 1.47
CA HIS A 167 -25.92 -3.37 0.38
C HIS A 167 -26.23 -4.30 -0.78
N TRP A 168 -26.10 -3.78 -2.02
CA TRP A 168 -26.51 -4.58 -3.18
C TRP A 168 -25.64 -5.82 -3.38
N GLY A 169 -24.46 -5.88 -2.77
CA GLY A 169 -23.64 -7.09 -2.85
C GLY A 169 -24.07 -8.18 -1.88
N LEU A 170 -24.99 -7.87 -0.99
CA LEU A 170 -25.46 -8.83 0.00
C LEU A 170 -26.73 -9.50 -0.52
N ASP A 171 -26.95 -10.74 -0.09
CA ASP A 171 -28.19 -11.43 -0.49
C ASP A 171 -29.36 -11.03 0.40
N GLU A 172 -29.06 -10.63 1.63
CA GLU A 172 -30.04 -10.28 2.65
C GLU A 172 -29.42 -9.22 3.53
N PRO A 173 -30.23 -8.48 4.30
CA PRO A 173 -29.64 -7.54 5.26
C PRO A 173 -28.70 -8.26 6.22
N LEU A 174 -27.56 -7.62 6.49
CA LEU A 174 -26.55 -8.16 7.40
C LEU A 174 -26.80 -7.54 8.77
N LEU A 175 -27.08 -8.37 9.77
CA LEU A 175 -27.30 -7.89 11.12
C LEU A 175 -26.11 -8.30 11.98
N LYS A 176 -25.36 -7.32 12.47
CA LYS A 176 -24.26 -7.62 13.38
CA LYS A 176 -24.24 -7.60 13.38
C LYS A 176 -24.71 -7.33 14.81
N HIS A 177 -24.64 -8.36 15.65
CA HIS A 177 -25.19 -8.34 16.99
C HIS A 177 -24.21 -7.80 18.02
N TRP A 178 -24.74 -7.19 19.06
CA TRP A 178 -23.97 -6.81 20.23
C TRP A 178 -24.85 -6.86 21.47
N GLU A 179 -24.31 -7.42 22.55
CA GLU A 179 -24.98 -7.38 23.83
C GLU A 179 -23.94 -7.31 24.94
N PHE A 180 -24.36 -6.81 26.11
CA PHE A 180 -23.50 -6.75 27.28
C PHE A 180 -23.08 -8.15 27.71
N ASP A 181 -21.77 -8.39 27.77
CA ASP A 181 -21.26 -9.72 28.07
C ASP A 181 -21.63 -10.17 29.49
N GLY B 16 -27.43 -0.75 -0.69
CA GLY B 16 -28.45 0.26 -0.76
C GLY B 16 -29.83 -0.32 -0.56
N GLY B 17 -30.84 0.53 -0.65
CA GLY B 17 -32.20 0.04 -0.59
C GLY B 17 -32.90 0.16 -1.92
N SER B 18 -34.14 0.63 -1.90
CA SER B 18 -34.99 0.90 -3.05
C SER B 18 -35.36 -0.35 -3.86
N GLY B 19 -34.92 -1.54 -3.45
CA GLY B 19 -35.19 -2.76 -4.19
C GLY B 19 -34.76 -2.67 -5.64
N ASP B 20 -33.52 -2.28 -5.88
CA ASP B 20 -33.06 -1.90 -7.21
C ASP B 20 -31.98 -2.87 -7.71
N THR B 21 -32.21 -3.40 -8.91
CA THR B 21 -31.24 -4.22 -9.61
C THR B 21 -30.46 -3.43 -10.67
N ARG B 22 -30.73 -2.13 -10.81
CA ARG B 22 -30.16 -1.38 -11.93
C ARG B 22 -28.63 -1.35 -11.86
N PRO B 23 -27.94 -1.47 -12.98
CA PRO B 23 -26.47 -1.41 -12.95
C PRO B 23 -25.98 -0.05 -12.49
N ARG B 24 -24.84 -0.06 -11.79
CA ARG B 24 -24.24 1.18 -11.29
C ARG B 24 -22.90 1.44 -11.95
N PHE B 25 -22.56 2.72 -12.06
CA PHE B 25 -21.34 3.18 -12.68
C PHE B 25 -20.70 4.22 -11.77
N LEU B 26 -19.42 4.02 -11.46
CA LEU B 26 -18.76 4.80 -10.42
C LEU B 26 -17.47 5.43 -10.95
N TRP B 27 -17.26 6.69 -10.62
CA TRP B 27 -16.02 7.39 -10.97
C TRP B 27 -15.46 7.96 -9.68
N GLN B 28 -14.20 7.64 -9.39
CA GLN B 28 -13.51 8.12 -8.20
C GLN B 28 -12.27 8.89 -8.64
N LEU B 29 -12.00 9.98 -7.94
CA LEU B 29 -10.80 10.78 -8.18
C LEU B 29 -10.07 10.93 -6.86
N LYS B 30 -8.76 10.69 -6.85
CA LYS B 30 -7.97 10.87 -5.63
C LYS B 30 -6.75 11.71 -5.94
N PHE B 31 -6.59 12.82 -5.23
CA PHE B 31 -5.34 13.57 -5.24
C PHE B 31 -4.59 13.27 -3.95
N GLU B 32 -3.50 12.51 -4.05
CA GLU B 32 -2.75 12.12 -2.85
C GLU B 32 -1.48 12.94 -2.76
N CYS B 33 -1.31 13.68 -1.68
CA CYS B 33 -0.08 14.41 -1.40
C CYS B 33 0.72 13.61 -0.38
N HIS B 34 1.89 13.13 -0.79
CA HIS B 34 2.74 12.33 0.08
C HIS B 34 3.88 13.20 0.60
N PHE B 35 4.03 13.25 1.93
CA PHE B 35 5.00 14.13 2.56
C PHE B 35 6.06 13.29 3.26
N PHE B 36 7.33 13.61 3.00
CA PHE B 36 8.48 12.95 3.61
C PHE B 36 9.29 14.03 4.31
N ASN B 37 9.42 13.92 5.64
CA ASN B 37 10.09 14.93 6.46
C ASN B 37 9.43 16.29 6.22
N GLY B 38 8.13 16.32 6.48
CA GLY B 38 7.37 17.54 6.29
C GLY B 38 7.27 17.89 4.83
N THR B 39 7.49 19.16 4.52
CA THR B 39 7.43 19.64 3.16
C THR B 39 8.76 19.50 2.43
N GLU B 40 9.75 18.84 3.05
CA GLU B 40 11.06 18.76 2.40
C GLU B 40 10.98 17.95 1.11
N ARG B 41 10.27 16.83 1.13
CA ARG B 41 10.11 15.99 -0.05
C ARG B 41 8.63 15.69 -0.23
N VAL B 42 8.08 16.01 -1.40
CA VAL B 42 6.64 15.92 -1.62
C VAL B 42 6.38 15.25 -2.95
N ARG B 43 5.44 14.32 -2.97
CA ARG B 43 5.04 13.68 -4.21
C ARG B 43 3.52 13.72 -4.35
N LEU B 44 3.03 14.06 -5.54
CA LEU B 44 1.61 14.11 -5.82
C LEU B 44 1.24 12.97 -6.75
N LEU B 45 0.22 12.20 -6.37
CA LEU B 45 -0.33 11.17 -7.23
C LEU B 45 -1.81 11.48 -7.43
N GLU B 46 -2.22 11.69 -8.69
CA GLU B 46 -3.61 11.82 -9.04
C GLU B 46 -4.07 10.51 -9.66
N ARG B 47 -5.05 9.85 -9.03
CA ARG B 47 -5.58 8.59 -9.53
C ARG B 47 -7.00 8.79 -9.99
N CYS B 48 -7.32 8.34 -11.21
CA CYS B 48 -8.65 8.38 -11.79
C CYS B 48 -9.13 6.94 -11.92
N ILE B 49 -10.31 6.65 -11.36
CA ILE B 49 -10.71 5.26 -11.07
C ILE B 49 -12.13 5.02 -11.56
N TYR B 50 -12.30 4.09 -12.50
CA TYR B 50 -13.62 3.75 -13.02
C TYR B 50 -14.01 2.38 -12.48
N ASN B 51 -15.15 2.31 -11.78
CA ASN B 51 -15.67 1.02 -11.28
C ASN B 51 -14.59 0.26 -10.52
N GLN B 52 -13.95 0.95 -9.58
CA GLN B 52 -12.93 0.39 -8.70
C GLN B 52 -11.60 0.06 -9.39
N GLU B 53 -11.42 0.33 -10.69
CA GLU B 53 -10.14 0.08 -11.34
C GLU B 53 -9.50 1.39 -11.80
N GLU B 54 -8.30 1.67 -11.31
CA GLU B 54 -7.59 2.88 -11.72
C GLU B 54 -7.28 2.80 -13.21
N SER B 55 -7.63 3.84 -13.95
CA SER B 55 -7.47 3.84 -15.40
C SER B 55 -6.38 4.77 -15.91
N VAL B 56 -6.12 5.87 -15.21
CA VAL B 56 -5.09 6.81 -15.65
C VAL B 56 -4.62 7.57 -14.42
N ARG B 57 -3.35 7.99 -14.44
CA ARG B 57 -2.70 8.50 -13.25
C ARG B 57 -1.72 9.61 -13.62
N PHE B 58 -1.70 10.69 -12.80
CA PHE B 58 -0.63 11.68 -12.85
C PHE B 58 0.28 11.45 -11.65
N ASP B 59 1.58 11.34 -11.91
CA ASP B 59 2.59 11.13 -10.89
C ASP B 59 3.58 12.27 -11.01
N SER B 60 3.72 13.09 -9.96
CA SER B 60 4.64 14.22 -10.06
C SER B 60 6.08 13.78 -10.29
N ASP B 61 6.45 12.56 -9.89
CA ASP B 61 7.79 12.07 -10.24
C ASP B 61 7.98 11.91 -11.75
N VAL B 62 6.90 11.84 -12.52
CA VAL B 62 6.96 11.74 -13.99
C VAL B 62 6.67 13.08 -14.65
N GLY B 63 5.58 13.73 -14.26
CA GLY B 63 5.23 15.01 -14.85
C GLY B 63 4.30 14.94 -16.04
N GLU B 64 3.78 13.76 -16.35
CA GLU B 64 2.65 13.66 -17.27
C GLU B 64 1.80 12.47 -16.88
N TYR B 65 0.64 12.38 -17.51
CA TYR B 65 -0.28 11.27 -17.27
C TYR B 65 0.24 9.99 -17.89
N ARG B 66 -0.07 8.86 -17.25
CA ARG B 66 0.19 7.56 -17.82
C ARG B 66 -1.09 6.74 -17.73
N ALA B 67 -1.38 5.99 -18.78
CA ALA B 67 -2.51 5.08 -18.73
C ALA B 67 -2.19 3.91 -17.83
N VAL B 68 -3.14 3.54 -16.99
CA VAL B 68 -3.00 2.40 -16.10
C VAL B 68 -3.70 1.18 -16.67
N THR B 69 -4.86 1.38 -17.30
CA THR B 69 -5.49 0.37 -18.15
C THR B 69 -5.70 0.97 -19.53
N GLU B 70 -6.06 0.13 -20.51
CA GLU B 70 -6.22 0.67 -21.85
C GLU B 70 -7.40 1.63 -21.94
N LEU B 71 -8.39 1.45 -21.07
CA LEU B 71 -9.51 2.38 -21.03
C LEU B 71 -9.08 3.81 -20.69
N GLY B 72 -7.95 3.99 -20.01
CA GLY B 72 -7.48 5.32 -19.69
C GLY B 72 -6.56 5.93 -20.73
N ARG B 73 -6.17 5.15 -21.72
CA ARG B 73 -5.24 5.66 -22.73
C ARG B 73 -5.73 6.91 -23.45
N PRO B 74 -7.00 7.03 -23.85
CA PRO B 74 -7.41 8.28 -24.52
C PRO B 74 -7.22 9.51 -23.66
N ASP B 75 -7.41 9.37 -22.35
CA ASP B 75 -7.26 10.51 -21.46
C ASP B 75 -5.80 10.88 -21.28
N ALA B 76 -4.93 9.89 -21.08
CA ALA B 76 -3.52 10.18 -20.98
C ALA B 76 -3.04 10.89 -22.24
N GLU B 77 -3.49 10.43 -23.41
CA GLU B 77 -3.04 11.06 -24.66
C GLU B 77 -3.58 12.47 -24.78
N TYR B 78 -4.85 12.67 -24.43
CA TYR B 78 -5.44 13.99 -24.62
C TYR B 78 -4.90 15.00 -23.60
N TRP B 79 -4.85 14.62 -22.32
CA TRP B 79 -4.36 15.57 -21.31
C TRP B 79 -2.90 15.90 -21.53
N ASN B 80 -2.10 14.92 -21.96
CA ASN B 80 -0.68 15.14 -22.19
C ASN B 80 -0.43 16.06 -23.39
N SER B 81 -1.40 16.16 -24.29
CA SER B 81 -1.27 17.12 -25.39
C SER B 81 -1.54 18.55 -24.96
N GLN B 82 -2.02 18.77 -23.72
CA GLN B 82 -2.43 20.09 -23.22
C GLN B 82 -1.35 20.52 -22.24
N LYS B 83 -0.29 21.13 -22.75
CA LYS B 83 0.85 21.45 -21.89
C LYS B 83 0.47 22.45 -20.80
N ASP B 84 -0.52 23.33 -21.03
CA ASP B 84 -0.91 24.24 -19.96
C ASP B 84 -1.51 23.48 -18.78
N LEU B 85 -2.25 22.41 -19.05
CA LEU B 85 -2.78 21.61 -17.94
C LEU B 85 -1.67 20.84 -17.25
N LEU B 86 -0.73 20.29 -18.01
CA LEU B 86 0.40 19.60 -17.37
C LEU B 86 1.17 20.56 -16.47
N GLU B 87 1.40 21.80 -16.92
CA GLU B 87 2.21 22.67 -16.08
C GLU B 87 1.49 23.04 -14.79
N GLN B 88 0.16 23.08 -14.80
CA GLN B 88 -0.57 23.29 -13.54
C GLN B 88 -0.42 22.09 -12.62
N ARG B 89 -0.51 20.88 -13.17
CA ARG B 89 -0.30 19.69 -12.35
C ARG B 89 1.13 19.61 -11.83
N ARG B 90 2.12 20.00 -12.65
CA ARG B 90 3.52 19.91 -12.26
C ARG B 90 3.86 20.87 -11.14
N ALA B 91 3.13 21.97 -11.02
CA ALA B 91 3.36 22.90 -9.93
C ALA B 91 2.58 22.55 -8.68
N ALA B 92 1.69 21.54 -8.74
CA ALA B 92 0.77 21.31 -7.64
C ALA B 92 1.48 20.88 -6.37
N VAL B 93 2.65 20.22 -6.48
CA VAL B 93 3.39 19.86 -5.27
C VAL B 93 3.64 21.09 -4.42
N ASP B 94 3.81 22.27 -5.05
CA ASP B 94 3.98 23.53 -4.32
C ASP B 94 2.66 24.23 -4.04
N THR B 95 1.87 24.50 -5.08
CA THR B 95 0.68 25.34 -4.97
C THR B 95 -0.45 24.64 -4.25
N TYR B 96 -0.41 23.31 -4.14
CA TYR B 96 -1.49 22.53 -3.54
C TYR B 96 -1.02 21.71 -2.36
N CYS B 97 -0.09 20.77 -2.57
CA CYS B 97 0.38 19.89 -1.49
C CYS B 97 1.07 20.65 -0.36
N ARG B 98 2.11 21.42 -0.69
CA ARG B 98 2.82 22.15 0.36
C ARG B 98 1.94 23.20 0.99
N HIS B 99 1.07 23.83 0.19
CA HIS B 99 0.18 24.82 0.76
C HIS B 99 -0.74 24.19 1.79
N ASN B 100 -1.39 23.08 1.43
CA ASN B 100 -2.36 22.50 2.34
C ASN B 100 -1.68 21.93 3.57
N TYR B 101 -0.46 21.43 3.41
CA TYR B 101 0.28 20.94 4.58
C TYR B 101 0.42 22.05 5.62
N GLY B 102 0.79 23.25 5.18
CA GLY B 102 0.94 24.34 6.13
C GLY B 102 -0.38 24.77 6.72
N ALA B 103 -1.47 24.58 5.97
CA ALA B 103 -2.77 25.02 6.47
C ALA B 103 -3.30 24.10 7.56
N VAL B 104 -2.90 22.84 7.58
CA VAL B 104 -3.53 21.88 8.50
C VAL B 104 -2.54 21.26 9.49
N GLU B 105 -1.23 21.47 9.32
CA GLU B 105 -0.28 20.69 10.11
C GLU B 105 -0.48 20.88 11.61
N SER B 106 -0.94 22.06 12.03
CA SER B 106 -0.97 22.33 13.47
C SER B 106 -2.01 21.47 14.19
N PHE B 107 -3.07 21.02 13.50
CA PHE B 107 -4.10 20.21 14.14
C PHE B 107 -4.18 18.80 13.59
N THR B 108 -3.20 18.37 12.80
CA THR B 108 -3.16 17.02 12.25
C THR B 108 -1.81 16.39 12.57
N VAL B 109 -0.77 16.83 11.87
CA VAL B 109 0.58 16.35 12.13
C VAL B 109 0.93 16.50 13.60
N GLN B 110 0.58 17.64 14.19
CA GLN B 110 0.96 17.93 15.57
C GLN B 110 -0.08 17.44 16.59
N ARG B 111 -1.12 16.74 16.16
CA ARG B 111 -2.18 16.37 17.09
C ARG B 111 -1.69 15.28 18.03
N ARG B 112 -1.92 15.46 19.34
CA ARG B 112 -1.54 14.49 20.36
C ARG B 112 -2.66 14.39 21.38
N VAL B 113 -3.19 13.18 21.59
CA VAL B 113 -4.26 12.97 22.57
C VAL B 113 -3.88 11.76 23.40
N GLU B 114 -3.87 11.93 24.71
CA GLU B 114 -3.36 10.91 25.61
C GLU B 114 -4.38 9.77 25.75
N PRO B 115 -3.93 8.54 25.82
CA PRO B 115 -4.85 7.43 25.97
C PRO B 115 -5.35 7.34 27.40
N LYS B 116 -6.57 6.85 27.56
CA LYS B 116 -7.01 6.40 28.88
C LYS B 116 -6.81 4.89 28.97
N VAL B 117 -6.21 4.44 30.06
CA VAL B 117 -5.81 3.06 30.21
C VAL B 117 -6.57 2.48 31.41
N THR B 118 -7.22 1.33 31.20
CA THR B 118 -7.83 0.60 32.31
C THR B 118 -7.48 -0.87 32.16
N VAL B 119 -7.58 -1.61 33.28
CA VAL B 119 -7.33 -3.05 33.29
C VAL B 119 -8.54 -3.73 33.92
N TYR B 120 -8.99 -4.82 33.31
CA TYR B 120 -10.05 -5.63 33.91
C TYR B 120 -9.78 -7.10 33.63
N PRO B 121 -10.23 -7.97 34.52
CA PRO B 121 -10.02 -9.40 34.34
C PRO B 121 -11.11 -10.01 33.48
N SER B 122 -10.74 -11.09 32.78
CA SER B 122 -11.65 -11.77 31.89
C SER B 122 -11.29 -13.25 31.89
N LYS B 123 -11.90 -14.01 30.96
CA LYS B 123 -11.75 -15.45 30.93
C LYS B 123 -11.62 -15.92 29.49
N THR B 124 -10.71 -16.86 29.26
CA THR B 124 -10.72 -17.60 28.00
C THR B 124 -11.80 -18.66 27.98
N GLN B 125 -12.07 -19.28 29.13
CA GLN B 125 -13.06 -20.35 29.25
C GLN B 125 -14.11 -19.94 30.25
N PRO B 126 -15.36 -19.79 29.83
CA PRO B 126 -16.34 -19.09 30.68
C PRO B 126 -16.66 -19.79 31.99
N LEU B 127 -16.51 -21.12 32.06
CA LEU B 127 -16.88 -21.87 33.25
C LEU B 127 -15.74 -21.99 34.25
N GLN B 128 -14.57 -21.43 33.94
CA GLN B 128 -13.40 -21.58 34.78
C GLN B 128 -13.04 -20.22 35.38
N HIS B 129 -11.85 -20.11 35.98
CA HIS B 129 -11.44 -18.93 36.74
C HIS B 129 -10.98 -17.81 35.80
N HIS B 130 -10.89 -16.59 36.34
CA HIS B 130 -10.25 -15.47 35.64
C HIS B 130 -8.83 -15.86 35.24
N ASN B 131 -8.51 -15.77 33.94
CA ASN B 131 -7.19 -16.15 33.46
C ASN B 131 -6.73 -15.22 32.33
N LEU B 132 -7.40 -14.10 32.16
CA LEU B 132 -7.10 -13.18 31.07
C LEU B 132 -7.15 -11.77 31.63
N LEU B 133 -6.04 -11.05 31.55
CA LEU B 133 -5.99 -9.66 32.02
C LEU B 133 -6.03 -8.76 30.79
N VAL B 134 -7.02 -7.87 30.72
CA VAL B 134 -7.24 -7.06 29.53
C VAL B 134 -6.79 -5.63 29.84
N CYS B 135 -5.83 -5.14 29.09
CA CYS B 135 -5.43 -3.76 29.18
C CYS B 135 -6.15 -3.00 28.07
N SER B 136 -7.08 -2.13 28.44
CA SER B 136 -7.82 -1.32 27.47
C SER B 136 -7.12 0.03 27.34
N VAL B 137 -6.84 0.42 26.10
CA VAL B 137 -6.11 1.66 25.83
C VAL B 137 -6.92 2.41 24.80
N SER B 138 -7.54 3.52 25.19
CA SER B 138 -8.54 4.08 24.30
C SER B 138 -8.45 5.59 24.22
N GLY B 139 -8.90 6.11 23.08
CA GLY B 139 -9.05 7.53 22.89
C GLY B 139 -7.80 8.26 22.48
N PHE B 140 -6.77 7.58 21.98
CA PHE B 140 -5.48 8.22 21.75
C PHE B 140 -5.28 8.61 20.28
N TYR B 141 -4.31 9.53 20.09
CA TYR B 141 -3.90 9.96 18.75
C TYR B 141 -2.48 10.48 18.86
N PRO B 142 -1.57 10.11 17.95
CA PRO B 142 -1.78 9.30 16.74
C PRO B 142 -1.74 7.81 17.06
N GLY B 143 -1.75 6.95 16.04
CA GLY B 143 -1.94 5.52 16.28
C GLY B 143 -0.75 4.76 16.81
N SER B 144 0.46 5.32 16.72
CA SER B 144 1.64 4.61 17.19
C SER B 144 1.62 4.46 18.70
N ILE B 145 1.72 3.22 19.18
CA ILE B 145 1.59 2.95 20.61
C ILE B 145 2.33 1.66 20.89
N GLU B 146 2.85 1.54 22.11
CA GLU B 146 3.50 0.32 22.58
C GLU B 146 2.86 -0.05 23.91
N VAL B 147 2.39 -1.30 24.01
CA VAL B 147 1.73 -1.81 25.22
C VAL B 147 2.47 -3.07 25.65
N ARG B 148 2.84 -3.13 26.93
CA ARG B 148 3.62 -4.23 27.47
C ARG B 148 3.00 -4.69 28.78
N TRP B 149 3.06 -5.99 29.04
CA TRP B 149 2.54 -6.56 30.27
C TRP B 149 3.70 -6.98 31.16
N PHE B 150 3.61 -6.68 32.48
CA PHE B 150 4.61 -7.07 33.46
C PHE B 150 3.96 -7.87 34.57
N ARG B 151 4.72 -8.83 35.10
CA ARG B 151 4.33 -9.60 36.28
C ARG B 151 5.48 -9.44 37.26
N ASN B 152 5.19 -8.89 38.44
CA ASN B 152 6.24 -8.64 39.44
C ASN B 152 7.47 -7.94 38.85
N GLY B 153 7.22 -6.90 38.02
CA GLY B 153 8.30 -6.08 37.51
C GLY B 153 9.08 -6.61 36.33
N GLN B 154 8.63 -7.72 35.74
CA GLN B 154 9.34 -8.40 34.66
C GLN B 154 8.37 -8.59 33.51
N GLU B 155 8.78 -8.24 32.30
CA GLU B 155 7.86 -8.32 31.18
C GLU B 155 7.45 -9.77 30.92
N GLU B 156 6.17 -9.99 30.64
CA GLU B 156 5.69 -11.29 30.16
C GLU B 156 5.32 -11.11 28.69
N LYS B 157 6.10 -11.73 27.79
CA LYS B 157 5.79 -11.66 26.37
C LYS B 157 5.02 -12.86 25.87
N ALA B 158 4.94 -13.94 26.65
CA ALA B 158 4.19 -15.12 26.27
C ALA B 158 2.72 -14.95 26.62
N GLY B 159 1.86 -15.51 25.78
CA GLY B 159 0.44 -15.48 26.11
C GLY B 159 -0.24 -14.15 25.89
N VAL B 160 0.28 -13.29 25.02
CA VAL B 160 -0.26 -11.95 24.82
C VAL B 160 -0.95 -11.90 23.45
N VAL B 161 -2.20 -11.44 23.41
CA VAL B 161 -2.98 -11.27 22.21
CA VAL B 161 -2.96 -11.25 22.19
C VAL B 161 -3.63 -9.88 22.25
N SER B 162 -4.01 -9.38 21.07
CA SER B 162 -4.51 -8.02 21.01
C SER B 162 -5.56 -7.91 19.91
N THR B 163 -6.44 -6.92 20.03
CA THR B 163 -7.28 -6.54 18.90
C THR B 163 -6.48 -5.99 17.74
N GLY B 164 -5.23 -5.58 17.97
CA GLY B 164 -4.57 -4.67 17.04
C GLY B 164 -5.10 -3.26 17.17
N LEU B 165 -4.62 -2.38 16.29
CA LEU B 165 -5.00 -0.98 16.36
C LEU B 165 -6.36 -0.77 15.71
N ILE B 166 -7.28 -0.17 16.45
CA ILE B 166 -8.65 0.05 15.98
C ILE B 166 -8.85 1.55 15.75
N GLN B 167 -9.21 1.92 14.54
CA GLN B 167 -9.50 3.31 14.22
C GLN B 167 -10.98 3.56 14.53
N ASN B 168 -11.25 4.56 15.39
CA ASN B 168 -12.65 4.81 15.76
C ASN B 168 -13.39 5.69 14.76
N GLY B 169 -12.71 6.33 13.81
CA GLY B 169 -13.37 7.18 12.84
C GLY B 169 -13.51 8.63 13.25
N ASP B 170 -13.10 8.99 14.47
CA ASP B 170 -13.29 10.32 15.05
C ASP B 170 -11.96 10.90 15.52
N TRP B 171 -10.87 10.55 14.83
CA TRP B 171 -9.52 11.00 15.18
C TRP B 171 -9.07 10.46 16.52
N THR B 172 -9.56 9.30 16.91
CA THR B 172 -8.99 8.57 18.02
C THR B 172 -8.86 7.11 17.63
N PHE B 173 -8.01 6.41 18.38
CA PHE B 173 -7.74 4.99 18.22
C PHE B 173 -8.00 4.30 19.55
N GLN B 174 -8.12 2.98 19.49
CA GLN B 174 -8.14 2.19 20.72
C GLN B 174 -7.52 0.82 20.45
N THR B 175 -7.19 0.11 21.52
CA THR B 175 -6.74 -1.26 21.40
C THR B 175 -6.98 -1.96 22.73
N LEU B 176 -7.12 -3.28 22.66
CA LEU B 176 -7.09 -4.14 23.84
C LEU B 176 -5.88 -5.04 23.71
N VAL B 177 -5.12 -5.15 24.79
CA VAL B 177 -3.95 -6.03 24.83
C VAL B 177 -4.15 -6.95 26.02
N MET B 178 -4.24 -8.25 25.77
CA MET B 178 -4.68 -9.23 26.75
C MET B 178 -3.55 -10.20 27.09
N LEU B 179 -3.41 -10.49 28.38
CA LEU B 179 -2.41 -11.42 28.88
C LEU B 179 -3.14 -12.62 29.48
N GLU B 180 -2.84 -13.82 28.98
CA GLU B 180 -3.38 -15.04 29.55
C GLU B 180 -2.40 -15.53 30.63
N THR B 181 -2.91 -15.70 31.84
CA THR B 181 -2.04 -16.02 32.96
C THR B 181 -2.92 -16.61 34.05
N VAL B 182 -2.32 -17.37 34.96
CA VAL B 182 -3.01 -17.86 36.15
C VAL B 182 -2.61 -16.97 37.31
N PRO B 183 -3.48 -16.11 37.81
CA PRO B 183 -3.08 -15.23 38.92
C PRO B 183 -2.79 -16.03 40.18
N ARG B 184 -1.65 -15.76 40.80
CA ARG B 184 -1.31 -16.32 42.09
C ARG B 184 -1.26 -15.22 43.15
N SER B 185 -1.55 -15.60 44.40
CA SER B 185 -1.60 -14.64 45.49
C SER B 185 -0.28 -13.87 45.56
N GLY B 186 -0.38 -12.56 45.73
CA GLY B 186 0.79 -11.73 45.87
C GLY B 186 1.32 -11.16 44.58
N GLU B 187 0.94 -11.71 43.43
CA GLU B 187 1.48 -11.21 42.16
C GLU B 187 0.95 -9.82 41.87
N VAL B 188 1.77 -9.01 41.23
CA VAL B 188 1.36 -7.69 40.78
C VAL B 188 1.49 -7.67 39.27
N TYR B 189 0.37 -7.47 38.57
CA TYR B 189 0.38 -7.35 37.12
C TYR B 189 0.22 -5.88 36.74
N THR B 190 1.08 -5.40 35.86
CA THR B 190 1.03 -3.99 35.44
C THR B 190 1.10 -3.89 33.92
N CYS B 191 0.14 -3.16 33.35
CA CYS B 191 0.13 -2.78 31.93
C CYS B 191 0.94 -1.49 31.79
N GLN B 192 1.87 -1.44 30.84
CA GLN B 192 2.71 -0.27 30.60
C GLN B 192 2.47 0.22 29.18
N VAL B 193 2.11 1.49 29.05
CA VAL B 193 1.73 2.06 27.76
C VAL B 193 2.67 3.22 27.43
N GLU B 194 3.30 3.16 26.27
CA GLU B 194 4.11 4.27 25.76
C GLU B 194 3.45 4.85 24.52
N HIS B 195 3.44 6.18 24.43
CA HIS B 195 2.72 6.88 23.37
C HIS B 195 3.31 8.27 23.24
N PRO B 196 3.32 8.85 22.03
CA PRO B 196 3.95 10.18 21.86
C PRO B 196 3.34 11.28 22.70
N SER B 197 2.10 11.11 23.16
CA SER B 197 1.47 12.14 23.96
C SER B 197 2.05 12.27 25.36
N VAL B 198 2.84 11.29 25.83
CA VAL B 198 3.31 11.29 27.21
C VAL B 198 4.82 11.13 27.23
N THR B 199 5.46 11.79 28.21
CA THR B 199 6.91 11.75 28.35
C THR B 199 7.39 10.42 28.92
N SER B 200 6.69 9.92 29.93
CA SER B 200 7.05 8.68 30.57
C SER B 200 5.86 7.72 30.44
N PRO B 201 6.10 6.41 30.52
CA PRO B 201 5.02 5.45 30.28
C PRO B 201 3.86 5.59 31.26
N LEU B 202 2.64 5.34 30.77
CA LEU B 202 1.48 5.17 31.64
C LEU B 202 1.46 3.74 32.16
N THR B 203 1.10 3.57 33.43
CA THR B 203 1.04 2.23 34.01
C THR B 203 -0.26 2.07 34.78
N VAL B 204 -0.83 0.87 34.69
CA VAL B 204 -2.02 0.56 35.46
C VAL B 204 -1.84 -0.85 36.01
N GLU B 205 -2.04 -1.01 37.32
CA GLU B 205 -1.85 -2.28 37.99
C GLU B 205 -3.13 -3.06 38.17
N TRP B 206 -2.94 -4.37 38.41
CA TRP B 206 -3.96 -5.30 38.89
C TRP B 206 -3.30 -6.21 39.93
N ARG B 207 -3.86 -6.24 41.13
CA ARG B 207 -3.31 -7.09 42.18
C ARG B 207 -4.03 -8.44 42.20
N ALA B 208 -3.23 -9.51 42.16
CA ALA B 208 -3.71 -10.87 42.38
C ALA B 208 -3.62 -11.28 43.85
N GLU C 3 7.06 4.22 8.12
CA GLU C 3 7.69 3.04 7.54
C GLU C 3 9.15 3.33 7.15
N GLU C 4 10.05 2.36 7.36
CA GLU C 4 11.41 2.64 6.91
C GLU C 4 12.00 1.48 6.10
N HIS C 5 12.03 0.24 6.59
CA HIS C 5 12.56 -0.84 5.78
C HIS C 5 11.67 -2.07 5.93
N VAL C 6 11.62 -2.89 4.87
CA VAL C 6 10.78 -4.09 4.88
C VAL C 6 11.58 -5.22 4.24
N ILE C 7 11.70 -6.34 4.96
CA ILE C 7 12.32 -7.56 4.43
C ILE C 7 11.20 -8.57 4.22
N ILE C 8 11.11 -9.16 3.03
CA ILE C 8 10.04 -10.11 2.75
C ILE C 8 10.66 -11.43 2.34
N GLN C 9 10.23 -12.51 2.99
CA GLN C 9 10.51 -13.86 2.53
C GLN C 9 9.30 -14.26 1.70
N ALA C 10 9.48 -14.42 0.40
CA ALA C 10 8.39 -14.68 -0.52
C ALA C 10 8.58 -16.03 -1.18
N GLU C 11 7.59 -16.92 -1.07
CA GLU C 11 7.65 -18.26 -1.65
C GLU C 11 6.38 -18.52 -2.43
N PHE C 12 6.45 -19.43 -3.41
CA PHE C 12 5.22 -19.81 -4.09
C PHE C 12 5.37 -21.22 -4.63
N TYR C 13 4.21 -21.85 -4.86
CA TYR C 13 4.16 -23.13 -5.56
C TYR C 13 3.03 -23.07 -6.58
N LEU C 14 3.28 -23.59 -7.78
CA LEU C 14 2.34 -23.44 -8.89
C LEU C 14 2.08 -24.82 -9.51
N ASN C 15 0.80 -25.21 -9.57
CA ASN C 15 0.39 -26.40 -10.29
C ASN C 15 -0.34 -26.02 -11.57
N PRO C 16 -0.35 -26.89 -12.59
CA PRO C 16 0.28 -28.23 -12.69
C PRO C 16 1.76 -28.17 -13.03
N ASP C 17 2.31 -26.95 -13.12
CA ASP C 17 3.71 -26.79 -13.51
C ASP C 17 4.66 -27.46 -12.52
N GLN C 18 4.25 -27.62 -11.27
CA GLN C 18 5.12 -28.13 -10.20
C GLN C 18 6.36 -27.24 -10.08
N SER C 19 6.13 -25.93 -10.01
CA SER C 19 7.18 -24.93 -9.97
C SER C 19 7.09 -24.23 -8.62
N GLY C 20 8.21 -24.22 -7.89
CA GLY C 20 8.27 -23.48 -6.65
C GLY C 20 9.49 -22.58 -6.63
N GLU C 21 9.34 -21.43 -5.96
CA GLU C 21 10.43 -20.48 -5.79
C GLU C 21 10.47 -19.95 -4.37
N PHE C 22 11.64 -19.49 -3.99
CA PHE C 22 11.93 -19.03 -2.63
C PHE C 22 12.95 -17.89 -2.72
N MET C 23 12.61 -16.72 -2.18
CA MET C 23 13.53 -15.59 -2.26
C MET C 23 13.29 -14.65 -1.08
N PHE C 24 14.29 -13.81 -0.79
CA PHE C 24 14.16 -12.71 0.15
C PHE C 24 14.28 -11.40 -0.61
N ASP C 25 13.48 -10.43 -0.21
CA ASP C 25 13.41 -9.10 -0.84
C ASP C 25 13.68 -8.05 0.23
N PHE C 26 14.48 -7.03 -0.11
CA PHE C 26 14.69 -5.89 0.80
C PHE C 26 14.30 -4.62 0.05
N ASP C 27 13.23 -3.96 0.50
CA ASP C 27 12.78 -2.70 -0.10
C ASP C 27 12.63 -2.82 -1.61
N GLY C 28 12.18 -3.98 -2.07
CA GLY C 28 11.94 -4.19 -3.47
C GLY C 28 13.10 -4.73 -4.29
N ASP C 29 14.28 -4.97 -3.68
CA ASP C 29 15.37 -5.64 -4.37
C ASP C 29 15.57 -7.04 -3.83
N GLU C 30 16.04 -7.94 -4.70
CA GLU C 30 16.25 -9.33 -4.29
C GLU C 30 17.55 -9.46 -3.49
N ILE C 31 17.47 -9.99 -2.27
CA ILE C 31 18.70 -10.37 -1.57
C ILE C 31 19.27 -11.66 -2.13
N PHE C 32 18.45 -12.72 -2.15
CA PHE C 32 18.88 -14.00 -2.70
C PHE C 32 17.64 -14.80 -3.06
N HIS C 33 17.85 -15.85 -3.86
CA HIS C 33 16.83 -16.87 -4.04
C HIS C 33 17.51 -18.22 -3.93
N VAL C 34 16.70 -19.26 -3.81
CA VAL C 34 17.24 -20.62 -3.81
C VAL C 34 16.92 -21.27 -5.15
N ASP C 35 17.95 -21.69 -5.86
CA ASP C 35 17.76 -22.41 -7.12
C ASP C 35 17.38 -23.86 -6.81
N MET C 36 16.18 -24.29 -7.21
CA MET C 36 15.68 -25.58 -6.79
C MET C 36 16.39 -26.74 -7.50
N ALA C 37 16.73 -26.58 -8.78
CA ALA C 37 17.47 -27.61 -9.49
C ALA C 37 18.86 -27.82 -8.91
N LYS C 38 19.57 -26.72 -8.59
CA LYS C 38 20.93 -26.82 -8.10
C LYS C 38 20.99 -26.94 -6.59
N LYS C 39 19.86 -26.76 -5.92
CA LYS C 39 19.77 -26.70 -4.46
C LYS C 39 20.79 -25.72 -3.88
N GLU C 40 20.76 -24.48 -4.38
CA GLU C 40 21.85 -23.56 -4.09
C GLU C 40 21.32 -22.17 -3.74
N THR C 41 21.88 -21.56 -2.69
CA THR C 41 21.59 -20.18 -2.36
C THR C 41 22.32 -19.25 -3.34
N VAL C 42 21.57 -18.45 -4.09
CA VAL C 42 22.14 -17.60 -5.13
C VAL C 42 21.95 -16.15 -4.70
N TRP C 43 23.04 -15.49 -4.29
CA TRP C 43 22.98 -14.10 -3.85
C TRP C 43 22.85 -13.18 -5.07
N ARG C 44 22.03 -12.14 -4.95
CA ARG C 44 21.74 -11.32 -6.14
C ARG C 44 22.97 -10.56 -6.59
N LEU C 45 23.75 -10.05 -5.63
CA LEU C 45 25.11 -9.59 -5.89
C LEU C 45 26.04 -10.56 -5.20
N GLU C 46 27.05 -11.03 -5.93
CA GLU C 46 27.95 -12.05 -5.39
C GLU C 46 28.55 -11.61 -4.07
N GLU C 47 28.84 -10.31 -3.91
CA GLU C 47 29.45 -9.82 -2.67
C GLU C 47 28.60 -10.07 -1.43
N PHE C 48 27.27 -10.23 -1.57
CA PHE C 48 26.42 -10.45 -0.39
C PHE C 48 26.84 -11.72 0.36
N GLY C 49 27.25 -12.75 -0.37
CA GLY C 49 27.67 -14.01 0.24
C GLY C 49 28.93 -13.90 1.08
N ARG C 50 29.64 -12.78 0.99
CA ARG C 50 30.77 -12.51 1.88
C ARG C 50 30.30 -12.03 3.25
N PHE C 51 29.05 -11.59 3.36
CA PHE C 51 28.52 -11.08 4.60
C PHE C 51 27.51 -11.99 5.26
N ALA C 52 26.81 -12.82 4.49
CA ALA C 52 25.70 -13.60 5.03
C ALA C 52 25.67 -14.96 4.36
N SER C 53 24.94 -15.88 4.99
CA SER C 53 24.76 -17.23 4.47
C SER C 53 23.33 -17.66 4.73
N PHE C 54 22.86 -18.63 3.93
CA PHE C 54 21.53 -19.19 4.09
C PHE C 54 21.57 -20.64 3.63
N GLU C 55 21.04 -21.53 4.46
CA GLU C 55 21.04 -22.95 4.17
C GLU C 55 19.91 -23.26 3.19
N ALA C 56 20.29 -23.52 1.93
CA ALA C 56 19.33 -23.74 0.85
C ALA C 56 18.34 -24.86 1.17
N GLN C 57 18.80 -25.92 1.87
CA GLN C 57 17.90 -27.06 2.05
C GLN C 57 16.64 -26.67 2.83
N GLY C 58 16.71 -25.65 3.68
CA GLY C 58 15.50 -25.21 4.37
C GLY C 58 14.42 -24.73 3.41
N ALA C 59 14.82 -24.09 2.31
CA ALA C 59 13.82 -23.61 1.36
C ALA C 59 13.12 -24.79 0.67
N LEU C 60 13.85 -25.86 0.41
CA LEU C 60 13.23 -27.02 -0.22
C LEU C 60 12.15 -27.62 0.67
N ALA C 61 12.41 -27.67 1.98
CA ALA C 61 11.40 -28.18 2.91
C ALA C 61 10.16 -27.28 2.93
N ASN C 62 10.36 -25.96 2.88
CA ASN C 62 9.25 -25.03 2.82
C ASN C 62 8.41 -25.26 1.57
N ILE C 63 9.07 -25.43 0.42
CA ILE C 63 8.34 -25.59 -0.83
C ILE C 63 7.51 -26.89 -0.78
N ALA C 64 7.99 -27.91 -0.06
CA ALA C 64 7.19 -29.12 0.05
C ALA C 64 5.90 -28.89 0.84
N VAL C 65 5.97 -28.07 1.89
CA VAL C 65 4.77 -27.71 2.64
C VAL C 65 3.85 -26.85 1.78
N ASP C 66 4.42 -25.96 0.98
CA ASP C 66 3.57 -25.09 0.18
C ASP C 66 2.83 -25.89 -0.88
N LYS C 67 3.49 -26.90 -1.45
CA LYS C 67 2.84 -27.80 -2.39
C LYS C 67 1.68 -28.55 -1.74
N ALA C 68 1.90 -29.09 -0.55
CA ALA C 68 0.82 -29.80 0.14
C ALA C 68 -0.34 -28.87 0.46
N ASN C 69 -0.05 -27.64 0.89
CA ASN C 69 -1.12 -26.70 1.18
C ASN C 69 -1.82 -26.24 -0.10
N LEU C 70 -1.07 -26.02 -1.18
CA LEU C 70 -1.74 -25.67 -2.44
C LEU C 70 -2.77 -26.72 -2.84
N GLU C 71 -2.42 -27.99 -2.70
CA GLU C 71 -3.34 -29.06 -3.08
C GLU C 71 -4.60 -29.04 -2.21
N ILE C 72 -4.43 -28.77 -0.91
CA ILE C 72 -5.59 -28.65 -0.02
C ILE C 72 -6.44 -27.44 -0.43
N MET C 73 -5.81 -26.29 -0.70
CA MET C 73 -6.57 -25.09 -1.04
C MET C 73 -7.26 -25.21 -2.40
N THR C 74 -6.62 -25.90 -3.35
CA THR C 74 -7.22 -26.10 -4.66
C THR C 74 -8.56 -26.83 -4.54
N LYS C 75 -8.58 -27.91 -3.78
CA LYS C 75 -9.83 -28.62 -3.53
C LYS C 75 -10.81 -27.76 -2.74
N ARG C 76 -10.34 -27.07 -1.68
CA ARG C 76 -11.23 -26.27 -0.87
C ARG C 76 -11.94 -25.21 -1.69
N SER C 77 -11.27 -24.63 -2.68
CA SER C 77 -11.84 -23.63 -3.56
C SER C 77 -12.78 -24.20 -4.62
N ASN C 78 -13.03 -25.51 -4.58
CA ASN C 78 -13.79 -26.20 -5.64
C ASN C 78 -13.08 -26.08 -6.98
N TYR C 79 -11.74 -26.17 -6.95
CA TYR C 79 -10.90 -26.23 -8.16
C TYR C 79 -11.01 -24.95 -8.98
N THR C 80 -11.04 -23.81 -8.30
CA THR C 80 -11.10 -22.52 -8.98
C THR C 80 -9.69 -22.10 -9.38
N PRO C 81 -9.42 -21.89 -10.66
CA PRO C 81 -8.05 -21.59 -11.10
C PRO C 81 -7.76 -20.10 -11.06
N ILE C 82 -6.48 -19.76 -11.25
CA ILE C 82 -6.08 -18.36 -11.28
C ILE C 82 -6.56 -17.70 -12.56
N THR C 83 -6.88 -16.41 -12.45
CA THR C 83 -7.17 -15.55 -13.61
C THR C 83 -5.86 -15.01 -14.15
N ASN C 84 -5.58 -15.26 -15.44
CA ASN C 84 -4.36 -14.73 -16.04
C ASN C 84 -4.42 -13.21 -16.03
N VAL C 85 -3.29 -12.60 -15.68
CA VAL C 85 -3.14 -11.15 -15.77
C VAL C 85 -1.91 -10.91 -16.64
N PRO C 86 -2.07 -10.31 -17.82
CA PRO C 86 -0.93 -10.18 -18.73
C PRO C 86 0.03 -9.09 -18.26
N PRO C 87 1.30 -9.20 -18.64
CA PRO C 87 2.30 -8.23 -18.19
C PRO C 87 2.30 -6.96 -19.00
N GLU C 88 2.86 -5.94 -18.39
CA GLU C 88 3.30 -4.77 -19.13
C GLU C 88 4.82 -4.79 -19.18
N VAL C 89 5.37 -4.37 -20.31
CA VAL C 89 6.77 -4.64 -20.61
C VAL C 89 7.41 -3.32 -21.00
N THR C 90 8.59 -3.05 -20.43
CA THR C 90 9.39 -1.86 -20.70
C THR C 90 10.80 -2.31 -21.05
N VAL C 91 11.39 -1.72 -22.09
CA VAL C 91 12.79 -1.99 -22.44
C VAL C 91 13.57 -0.71 -22.24
N LEU C 92 14.73 -0.80 -21.63
CA LEU C 92 15.59 0.37 -21.41
C LEU C 92 17.01 -0.12 -21.20
N THR C 93 17.95 0.82 -21.13
CA THR C 93 19.35 0.48 -20.89
C THR C 93 19.77 0.84 -19.47
N ASN C 94 20.85 0.19 -19.04
CA ASN C 94 21.50 0.49 -17.76
C ASN C 94 21.86 1.96 -17.64
N SER C 95 22.49 2.51 -18.67
CA SER C 95 23.02 3.87 -18.65
C SER C 95 22.77 4.51 -19.99
N PRO C 96 22.87 5.83 -20.09
CA PRO C 96 22.79 6.47 -21.40
C PRO C 96 23.79 5.82 -22.35
N VAL C 97 23.33 5.54 -23.56
CA VAL C 97 24.13 4.71 -24.46
C VAL C 97 25.22 5.56 -25.10
N GLU C 98 26.41 4.97 -25.22
CA GLU C 98 27.53 5.58 -25.94
C GLU C 98 28.18 4.53 -26.83
N LEU C 99 28.36 4.84 -28.11
CA LEU C 99 29.01 3.90 -29.02
C LEU C 99 30.38 3.50 -28.49
N ARG C 100 30.75 2.23 -28.74
CA ARG C 100 32.01 1.59 -28.34
C ARG C 100 32.08 1.31 -26.86
N GLU C 101 31.04 1.59 -26.10
CA GLU C 101 31.08 1.39 -24.65
C GLU C 101 30.04 0.35 -24.28
N PRO C 102 30.45 -0.82 -23.80
CA PRO C 102 29.48 -1.89 -23.49
C PRO C 102 28.36 -1.40 -22.59
N ASN C 103 27.17 -1.96 -22.78
CA ASN C 103 25.99 -1.54 -22.05
C ASN C 103 25.15 -2.78 -21.78
N VAL C 104 23.95 -2.59 -21.23
CA VAL C 104 23.06 -3.70 -20.92
C VAL C 104 21.63 -3.29 -21.24
N LEU C 105 20.96 -4.06 -22.09
CA LEU C 105 19.53 -3.85 -22.32
C LEU C 105 18.75 -4.54 -21.19
N ILE C 106 17.75 -3.85 -20.66
CA ILE C 106 16.90 -4.42 -19.62
C ILE C 106 15.51 -4.61 -20.20
N CYS C 107 14.96 -5.82 -20.04
CA CYS C 107 13.55 -6.05 -20.35
C CYS C 107 12.85 -6.22 -19.01
N PHE C 108 11.98 -5.27 -18.65
CA PHE C 108 11.29 -5.27 -17.37
C PHE C 108 9.85 -5.73 -17.58
N ILE C 109 9.50 -6.86 -16.97
CA ILE C 109 8.20 -7.50 -17.15
C ILE C 109 7.45 -7.34 -15.84
N ASP C 110 6.28 -6.70 -15.86
CA ASP C 110 5.67 -6.19 -14.64
C ASP C 110 4.18 -6.50 -14.61
N LYS C 111 3.65 -6.65 -13.41
CA LYS C 111 2.21 -6.73 -13.15
C LYS C 111 1.54 -7.91 -13.84
N PHE C 112 2.10 -9.11 -13.65
CA PHE C 112 1.51 -10.29 -14.27
C PHE C 112 1.39 -11.44 -13.26
N THR C 113 0.51 -12.39 -13.62
CA THR C 113 0.38 -13.66 -12.92
C THR C 113 -0.39 -14.61 -13.85
N PRO C 114 -0.17 -15.93 -13.77
CA PRO C 114 0.77 -16.69 -12.93
C PRO C 114 2.22 -16.43 -13.32
N PRO C 115 3.16 -16.86 -12.48
CA PRO C 115 4.60 -16.61 -12.73
C PRO C 115 5.19 -17.60 -13.73
N VAL C 116 4.76 -17.47 -14.98
CA VAL C 116 5.27 -18.24 -16.09
C VAL C 116 5.34 -17.26 -17.27
N VAL C 117 6.54 -17.04 -17.81
CA VAL C 117 6.70 -16.18 -19.00
C VAL C 117 7.81 -16.76 -19.84
N ASN C 118 7.73 -16.53 -21.15
CA ASN C 118 8.87 -16.78 -22.02
C ASN C 118 9.34 -15.45 -22.58
N VAL C 119 10.64 -15.19 -22.47
CA VAL C 119 11.23 -13.94 -22.92
C VAL C 119 12.35 -14.25 -23.90
N THR C 120 12.26 -13.68 -25.10
CA THR C 120 13.30 -13.82 -26.12
C THR C 120 13.80 -12.45 -26.54
N TRP C 121 15.12 -12.32 -26.67
CA TRP C 121 15.73 -11.12 -27.23
C TRP C 121 15.92 -11.33 -28.72
N LEU C 122 15.58 -10.32 -29.51
CA LEU C 122 15.79 -10.34 -30.95
C LEU C 122 16.68 -9.17 -31.30
N ARG C 123 17.74 -9.43 -32.08
CA ARG C 123 18.57 -8.40 -32.66
C ARG C 123 18.37 -8.44 -34.17
N ASN C 124 17.87 -7.35 -34.74
CA ASN C 124 17.57 -7.29 -36.17
C ASN C 124 16.64 -8.45 -36.57
N GLY C 125 15.69 -8.75 -35.69
CA GLY C 125 14.69 -9.75 -35.96
C GLY C 125 15.11 -11.18 -35.67
N LYS C 126 16.36 -11.40 -35.28
CA LYS C 126 16.87 -12.73 -35.07
C LYS C 126 17.15 -12.97 -33.59
N PRO C 127 16.77 -14.13 -33.05
CA PRO C 127 16.99 -14.38 -31.62
C PRO C 127 18.47 -14.38 -31.26
N VAL C 128 18.79 -13.83 -30.10
CA VAL C 128 20.14 -13.85 -29.58
C VAL C 128 20.09 -14.31 -28.13
N THR C 129 21.05 -15.15 -27.74
CA THR C 129 21.07 -15.74 -26.40
C THR C 129 22.40 -15.58 -25.68
N THR C 130 23.44 -15.06 -26.33
CA THR C 130 24.76 -15.03 -25.74
C THR C 130 24.80 -14.01 -24.62
N GLY C 131 25.20 -14.46 -23.42
CA GLY C 131 25.38 -13.58 -22.31
C GLY C 131 24.11 -13.17 -21.58
N VAL C 132 22.94 -13.66 -22.01
CA VAL C 132 21.70 -13.15 -21.39
C VAL C 132 21.60 -13.66 -19.96
N SER C 133 20.84 -12.93 -19.15
CA SER C 133 20.52 -13.41 -17.81
C SER C 133 19.15 -12.87 -17.41
N GLU C 134 18.66 -13.36 -16.27
CA GLU C 134 17.32 -13.01 -15.84
C GLU C 134 17.23 -13.18 -14.33
N THR C 135 16.23 -12.51 -13.74
CA THR C 135 15.93 -12.70 -12.33
C THR C 135 14.87 -13.78 -12.17
N VAL C 136 14.68 -14.24 -10.95
CA VAL C 136 13.50 -15.05 -10.64
C VAL C 136 12.26 -14.16 -10.63
N PHE C 137 11.11 -14.74 -10.27
CA PHE C 137 9.87 -13.97 -10.21
C PHE C 137 9.81 -13.18 -8.90
N LEU C 138 9.75 -11.84 -8.99
CA LEU C 138 9.87 -10.95 -7.83
C LEU C 138 8.49 -10.48 -7.39
N PRO C 139 8.30 -10.30 -6.08
CA PRO C 139 6.96 -10.01 -5.55
C PRO C 139 6.55 -8.55 -5.72
N ARG C 140 5.22 -8.35 -5.71
CA ARG C 140 4.59 -7.05 -5.70
C ARG C 140 3.57 -7.01 -4.58
N GLU C 141 3.30 -5.82 -4.05
CA GLU C 141 2.30 -5.72 -2.98
C GLU C 141 0.91 -6.18 -3.41
N ASP C 142 0.58 -6.11 -4.70
CA ASP C 142 -0.71 -6.60 -5.17
C ASP C 142 -0.71 -8.09 -5.48
N HIS C 143 0.39 -8.79 -5.18
CA HIS C 143 0.59 -10.21 -5.33
C HIS C 143 0.75 -10.64 -6.79
N LEU C 144 0.84 -9.68 -7.72
CA LEU C 144 1.36 -9.97 -9.05
C LEU C 144 2.89 -10.12 -8.96
N PHE C 145 3.53 -10.29 -10.12
CA PHE C 145 4.95 -10.55 -10.21
C PHE C 145 5.64 -9.54 -11.11
N ARG C 146 6.96 -9.43 -10.91
CA ARG C 146 7.89 -8.64 -11.72
C ARG C 146 9.04 -9.56 -12.12
N LYS C 147 9.70 -9.24 -13.22
CA LYS C 147 10.88 -10.01 -13.62
C LYS C 147 11.76 -9.13 -14.48
N PHE C 148 13.09 -9.30 -14.40
CA PHE C 148 14.01 -8.58 -15.27
C PHE C 148 14.75 -9.57 -16.15
N HIS C 149 14.90 -9.21 -17.43
CA HIS C 149 15.79 -9.94 -18.33
C HIS C 149 16.86 -8.98 -18.81
N TYR C 150 18.07 -9.48 -18.99
CA TYR C 150 19.23 -8.63 -19.29
C TYR C 150 19.96 -9.14 -20.52
N LEU C 151 20.39 -8.21 -21.38
CA LEU C 151 21.15 -8.54 -22.59
C LEU C 151 22.35 -7.59 -22.68
N PRO C 152 23.56 -8.05 -22.40
CA PRO C 152 24.72 -7.18 -22.58
C PRO C 152 24.96 -6.98 -24.07
N PHE C 153 25.31 -5.76 -24.45
CA PHE C 153 25.45 -5.50 -25.88
C PHE C 153 26.45 -4.37 -26.09
N LEU C 154 27.04 -4.37 -27.29
CA LEU C 154 27.83 -3.24 -27.74
C LEU C 154 26.93 -2.36 -28.59
N PRO C 155 26.68 -1.10 -28.20
CA PRO C 155 25.71 -0.28 -28.92
C PRO C 155 26.15 0.01 -30.34
N SER C 156 25.17 0.21 -31.20
CA SER C 156 25.35 0.42 -32.63
C SER C 156 24.22 1.32 -33.14
N THR C 157 24.55 2.17 -34.11
CA THR C 157 23.51 2.98 -34.73
C THR C 157 22.63 2.18 -35.68
N GLU C 158 23.04 0.99 -36.09
CA GLU C 158 22.30 0.20 -37.06
C GLU C 158 21.50 -0.95 -36.46
N ASP C 159 21.94 -1.49 -35.33
CA ASP C 159 21.23 -2.60 -34.72
C ASP C 159 19.89 -2.16 -34.14
N VAL C 160 18.86 -2.97 -34.31
CA VAL C 160 17.59 -2.75 -33.63
C VAL C 160 17.33 -3.97 -32.76
N TYR C 161 16.64 -3.75 -31.64
CA TYR C 161 16.36 -4.83 -30.69
C TYR C 161 14.88 -4.87 -30.36
N ASP C 162 14.42 -6.08 -30.02
CA ASP C 162 13.08 -6.34 -29.51
C ASP C 162 13.16 -7.33 -28.38
N CYS C 163 12.41 -7.07 -27.32
CA CYS C 163 12.11 -8.04 -26.27
C CYS C 163 10.74 -8.62 -26.58
N ARG C 164 10.70 -9.93 -26.82
CA ARG C 164 9.46 -10.62 -27.15
C ARG C 164 9.03 -11.40 -25.92
N VAL C 165 7.83 -11.13 -25.44
CA VAL C 165 7.31 -11.73 -24.20
C VAL C 165 6.03 -12.50 -24.52
N GLU C 166 5.96 -13.73 -24.04
CA GLU C 166 4.78 -14.57 -24.17
C GLU C 166 4.26 -14.89 -22.78
N HIS C 167 2.94 -14.80 -22.63
CA HIS C 167 2.25 -15.06 -21.37
C HIS C 167 0.83 -15.47 -21.71
N TRP C 168 0.25 -16.34 -20.87
CA TRP C 168 -1.08 -16.87 -21.14
C TRP C 168 -2.14 -15.78 -21.17
N GLY C 169 -1.90 -14.65 -20.50
CA GLY C 169 -2.85 -13.55 -20.49
C GLY C 169 -2.84 -12.68 -21.73
N LEU C 170 -1.82 -12.88 -22.57
CA LEU C 170 -1.67 -12.12 -23.81
C LEU C 170 -2.38 -12.82 -24.95
N ASP C 171 -2.96 -12.03 -25.86
CA ASP C 171 -3.59 -12.63 -27.04
C ASP C 171 -2.55 -12.99 -28.10
N GLU C 172 -1.52 -12.18 -28.22
CA GLU C 172 -0.39 -12.43 -29.09
C GLU C 172 0.86 -12.01 -28.36
N PRO C 173 2.02 -12.55 -28.74
CA PRO C 173 3.28 -12.14 -28.08
C PRO C 173 3.50 -10.64 -28.13
N LEU C 174 4.00 -10.11 -27.01
CA LEU C 174 4.24 -8.68 -26.88
C LEU C 174 5.67 -8.40 -27.30
N LEU C 175 5.86 -7.45 -28.23
CA LEU C 175 7.18 -7.07 -28.69
C LEU C 175 7.41 -5.60 -28.37
N LYS C 176 8.44 -5.32 -27.59
CA LYS C 176 8.83 -3.95 -27.25
C LYS C 176 10.16 -3.64 -27.91
N HIS C 177 10.19 -2.58 -28.71
CA HIS C 177 11.35 -2.23 -29.53
C HIS C 177 12.32 -1.31 -28.79
N TRP C 178 13.61 -1.48 -29.08
CA TRP C 178 14.61 -0.53 -28.62
C TRP C 178 15.60 -0.28 -29.75
N GLU C 179 16.00 0.98 -29.87
CA GLU C 179 16.86 1.44 -30.96
C GLU C 179 17.71 2.57 -30.42
N PHE C 180 18.93 2.68 -30.94
CA PHE C 180 19.78 3.82 -30.61
C PHE C 180 19.27 5.04 -31.37
N GLY D 19 0.40 -23.24 -26.27
CA GLY D 19 -0.71 -24.16 -26.46
C GLY D 19 -1.28 -24.77 -25.18
N ASP D 20 -0.51 -24.73 -24.09
CA ASP D 20 -0.92 -25.30 -22.80
C ASP D 20 -2.21 -24.63 -22.32
N THR D 21 -3.28 -25.41 -22.31
CA THR D 21 -4.60 -24.91 -21.93
C THR D 21 -4.95 -25.24 -20.48
N ARG D 22 -4.01 -25.75 -19.70
CA ARG D 22 -4.48 -26.29 -18.44
C ARG D 22 -4.67 -25.16 -17.43
N PRO D 23 -5.73 -25.21 -16.62
CA PRO D 23 -5.87 -24.19 -15.56
C PRO D 23 -4.71 -24.27 -14.58
N ARG D 24 -4.36 -23.12 -14.04
CA ARG D 24 -3.26 -23.00 -13.08
C ARG D 24 -3.81 -22.71 -11.70
N PHE D 25 -3.11 -23.23 -10.69
CA PHE D 25 -3.44 -23.02 -9.29
C PHE D 25 -2.16 -22.58 -8.58
N LEU D 26 -2.23 -21.44 -7.88
CA LEU D 26 -1.06 -20.79 -7.32
C LEU D 26 -1.24 -20.54 -5.82
N TRP D 27 -0.21 -20.85 -5.05
CA TRP D 27 -0.18 -20.57 -3.61
C TRP D 27 1.07 -19.75 -3.34
N GLN D 28 0.88 -18.56 -2.75
CA GLN D 28 1.96 -17.67 -2.36
C GLN D 28 1.95 -17.47 -0.84
N LEU D 29 3.16 -17.42 -0.25
CA LEU D 29 3.36 -17.13 1.15
C LEU D 29 4.33 -15.97 1.24
N LYS D 30 4.04 -14.98 2.07
CA LYS D 30 4.90 -13.83 2.25
C LYS D 30 5.06 -13.59 3.75
N PHE D 31 6.28 -13.63 4.24
CA PHE D 31 6.58 -13.22 5.61
C PHE D 31 7.21 -11.85 5.51
N GLU D 32 6.49 -10.81 5.93
CA GLU D 32 6.98 -9.44 5.81
C GLU D 32 7.40 -8.92 7.18
N CYS D 33 8.67 -8.54 7.30
CA CYS D 33 9.20 -7.92 8.50
C CYS D 33 9.29 -6.44 8.26
N HIS D 34 8.50 -5.65 9.02
CA HIS D 34 8.43 -4.19 8.88
C HIS D 34 9.22 -3.56 10.01
N PHE D 35 10.16 -2.68 9.65
CA PHE D 35 11.10 -2.10 10.61
C PHE D 35 10.93 -0.58 10.64
N PHE D 36 10.78 -0.03 11.83
CA PHE D 36 10.69 1.41 12.05
C PHE D 36 11.78 1.81 13.03
N ASN D 37 12.61 2.78 12.65
CA ASN D 37 13.76 3.18 13.47
C ASN D 37 14.66 1.98 13.73
N GLY D 38 15.03 1.27 12.67
CA GLY D 38 15.84 0.09 12.85
C GLY D 38 15.04 -1.01 13.51
N THR D 39 15.61 -1.61 14.56
CA THR D 39 14.90 -2.68 15.24
C THR D 39 14.09 -2.19 16.42
N GLU D 40 13.91 -0.86 16.55
CA GLU D 40 13.20 -0.35 17.72
C GLU D 40 11.75 -0.82 17.72
N ARG D 41 11.09 -0.78 16.57
CA ARG D 41 9.69 -1.18 16.43
C ARG D 41 9.61 -2.11 15.22
N VAL D 42 9.07 -3.30 15.42
CA VAL D 42 9.06 -4.33 14.37
C VAL D 42 7.67 -4.95 14.31
N ARG D 43 7.16 -5.13 13.12
CA ARG D 43 5.88 -5.80 12.94
C ARG D 43 6.05 -6.91 11.92
N LEU D 44 5.50 -8.08 12.21
CA LEU D 44 5.55 -9.21 11.29
C LEU D 44 4.16 -9.44 10.71
N LEU D 45 4.05 -9.49 9.39
CA LEU D 45 2.83 -9.89 8.73
C LEU D 45 3.13 -11.12 7.90
N GLU D 46 2.43 -12.22 8.20
CA GLU D 46 2.49 -13.43 7.38
C GLU D 46 1.22 -13.48 6.54
N ARG D 47 1.36 -13.42 5.21
CA ARG D 47 0.22 -13.40 4.31
C ARG D 47 0.20 -14.70 3.51
N CYS D 48 -0.94 -15.36 3.47
CA CYS D 48 -1.13 -16.60 2.72
C CYS D 48 -2.12 -16.31 1.60
N ILE D 49 -1.75 -16.61 0.35
CA ILE D 49 -2.39 -16.03 -0.83
C ILE D 49 -2.71 -17.12 -1.86
N TYR D 50 -3.99 -17.33 -2.16
CA TYR D 50 -4.44 -18.33 -3.13
C TYR D 50 -4.92 -17.60 -4.39
N ASN D 51 -4.31 -17.93 -5.54
CA ASN D 51 -4.67 -17.32 -6.83
C ASN D 51 -4.78 -15.79 -6.72
N GLN D 52 -3.75 -15.17 -6.16
CA GLN D 52 -3.64 -13.71 -6.06
C GLN D 52 -4.54 -13.07 -5.01
N GLU D 53 -5.28 -13.84 -4.22
CA GLU D 53 -6.13 -13.29 -3.17
C GLU D 53 -5.70 -13.80 -1.82
N GLU D 54 -5.27 -12.88 -0.96
CA GLU D 54 -4.90 -13.24 0.41
C GLU D 54 -6.11 -13.85 1.11
N SER D 55 -5.91 -15.03 1.71
CA SER D 55 -7.00 -15.73 2.38
C SER D 55 -6.90 -15.73 3.88
N VAL D 56 -5.69 -15.73 4.44
CA VAL D 56 -5.53 -15.74 5.89
C VAL D 56 -4.20 -15.08 6.22
N ARG D 57 -4.14 -14.45 7.41
CA ARG D 57 -3.00 -13.62 7.75
C ARG D 57 -2.64 -13.74 9.23
N PHE D 58 -1.33 -13.78 9.54
CA PHE D 58 -0.87 -13.59 10.92
C PHE D 58 -0.26 -12.19 11.01
N ASP D 59 -0.77 -11.39 11.94
CA ASP D 59 -0.27 -10.06 12.20
C ASP D 59 0.23 -10.02 13.64
N SER D 60 1.53 -9.71 13.83
CA SER D 60 2.05 -9.69 15.20
C SER D 60 1.36 -8.63 16.06
N ASP D 61 0.76 -7.60 15.47
CA ASP D 61 -0.04 -6.66 16.26
C ASP D 61 -1.28 -7.30 16.86
N VAL D 62 -1.72 -8.44 16.30
CA VAL D 62 -2.86 -9.18 16.82
C VAL D 62 -2.42 -10.40 17.65
N GLY D 63 -1.43 -11.16 17.15
CA GLY D 63 -0.95 -12.33 17.86
C GLY D 63 -1.71 -13.60 17.55
N GLU D 64 -2.63 -13.56 16.59
CA GLU D 64 -3.40 -14.73 16.18
C GLU D 64 -3.64 -14.60 14.69
N TYR D 65 -4.00 -15.72 14.06
CA TYR D 65 -4.37 -15.67 12.65
C TYR D 65 -5.76 -15.07 12.51
N ARG D 66 -5.98 -14.36 11.39
CA ARG D 66 -7.31 -13.89 11.04
C ARG D 66 -7.61 -14.25 9.60
N ALA D 67 -8.84 -14.71 9.35
CA ALA D 67 -9.27 -14.97 7.98
C ALA D 67 -9.41 -13.66 7.25
N VAL D 68 -8.84 -13.59 6.05
CA VAL D 68 -9.04 -12.41 5.20
C VAL D 68 -10.25 -12.60 4.29
N THR D 69 -10.42 -13.81 3.76
CA THR D 69 -11.61 -14.23 3.05
C THR D 69 -12.16 -15.47 3.74
N GLU D 70 -13.40 -15.83 3.42
CA GLU D 70 -14.00 -17.02 4.03
C GLU D 70 -13.20 -18.27 3.69
N LEU D 71 -12.53 -18.28 2.54
CA LEU D 71 -11.72 -19.42 2.16
C LEU D 71 -10.62 -19.70 3.19
N GLY D 72 -10.16 -18.67 3.93
CA GLY D 72 -9.09 -18.85 4.89
C GLY D 72 -9.54 -19.16 6.29
N ARG D 73 -10.86 -19.13 6.53
CA ARG D 73 -11.37 -19.35 7.89
C ARG D 73 -11.00 -20.70 8.48
N PRO D 74 -11.05 -21.83 7.73
CA PRO D 74 -10.61 -23.10 8.35
C PRO D 74 -9.19 -23.06 8.86
N ASP D 75 -8.31 -22.33 8.18
CA ASP D 75 -6.91 -22.27 8.61
C ASP D 75 -6.74 -21.39 9.83
N ALA D 76 -7.37 -20.22 9.84
CA ALA D 76 -7.30 -19.39 11.05
C ALA D 76 -7.76 -20.19 12.26
N GLU D 77 -8.87 -20.93 12.11
CA GLU D 77 -9.41 -21.68 13.23
C GLU D 77 -8.46 -22.78 13.68
N TYR D 78 -7.98 -23.58 12.73
CA TYR D 78 -7.08 -24.68 13.07
C TYR D 78 -5.77 -24.19 13.65
N TRP D 79 -5.15 -23.20 13.01
CA TRP D 79 -3.85 -22.76 13.53
C TRP D 79 -4.01 -22.08 14.88
N ASN D 80 -5.08 -21.31 15.08
CA ASN D 80 -5.26 -20.63 16.37
C ASN D 80 -5.54 -21.62 17.48
N SER D 81 -5.99 -22.82 17.15
CA SER D 81 -6.16 -23.87 18.16
C SER D 81 -4.84 -24.42 18.67
N GLN D 82 -3.73 -24.11 18.00
CA GLN D 82 -2.40 -24.66 18.32
C GLN D 82 -1.56 -23.57 18.97
N LYS D 83 -1.68 -23.43 20.29
CA LYS D 83 -1.04 -22.29 20.96
C LYS D 83 0.49 -22.37 20.88
N ASP D 84 1.05 -23.57 20.80
CA ASP D 84 2.50 -23.69 20.65
C ASP D 84 2.97 -23.08 19.32
N LEU D 85 2.20 -23.26 18.26
CA LEU D 85 2.52 -22.62 16.99
C LEU D 85 2.35 -21.09 17.08
N LEU D 86 1.24 -20.62 17.66
CA LEU D 86 1.07 -19.18 17.84
C LEU D 86 2.22 -18.58 18.65
N GLU D 87 2.68 -19.27 19.68
CA GLU D 87 3.75 -18.68 20.49
C GLU D 87 5.04 -18.57 19.69
N GLN D 88 5.31 -19.51 18.77
CA GLN D 88 6.49 -19.34 17.92
C GLN D 88 6.32 -18.15 16.98
N ARG D 89 5.11 -17.96 16.43
CA ARG D 89 4.87 -16.81 15.53
C ARG D 89 4.97 -15.49 16.28
N ARG D 90 4.47 -15.45 17.52
CA ARG D 90 4.53 -14.20 18.29
C ARG D 90 5.97 -13.83 18.61
N ALA D 91 6.82 -14.82 18.86
CA ALA D 91 8.23 -14.52 19.16
C ALA D 91 9.04 -14.16 17.93
N ALA D 92 8.48 -14.39 16.74
CA ALA D 92 9.27 -14.23 15.51
C ALA D 92 9.73 -12.80 15.27
N VAL D 93 9.05 -11.80 15.82
CA VAL D 93 9.62 -10.45 15.65
C VAL D 93 11.02 -10.38 16.24
N ASP D 94 11.31 -11.19 17.26
CA ASP D 94 12.66 -11.27 17.80
C ASP D 94 13.49 -12.34 17.11
N THR D 95 12.99 -13.58 17.03
CA THR D 95 13.85 -14.68 16.60
C THR D 95 14.09 -14.68 15.10
N TYR D 96 13.27 -13.95 14.35
CA TYR D 96 13.32 -13.97 12.89
C TYR D 96 13.53 -12.57 12.32
N CYS D 97 12.62 -11.64 12.59
CA CYS D 97 12.74 -10.30 12.02
C CYS D 97 13.99 -9.59 12.51
N ARG D 98 14.11 -9.39 13.82
CA ARG D 98 15.27 -8.66 14.32
C ARG D 98 16.56 -9.39 14.03
N HIS D 99 16.52 -10.73 14.04
CA HIS D 99 17.71 -11.49 13.72
C HIS D 99 18.17 -11.20 12.31
N ASN D 100 17.26 -11.36 11.33
CA ASN D 100 17.68 -11.15 9.95
C ASN D 100 18.06 -9.71 9.67
N TYR D 101 17.42 -8.76 10.34
CA TYR D 101 17.87 -7.37 10.20
C TYR D 101 19.35 -7.26 10.55
N GLY D 102 19.75 -7.83 11.69
CA GLY D 102 21.15 -7.77 12.07
C GLY D 102 22.05 -8.47 11.07
N ALA D 103 21.55 -9.57 10.48
CA ALA D 103 22.34 -10.32 9.53
C ALA D 103 22.61 -9.55 8.23
N VAL D 104 21.72 -8.65 7.81
CA VAL D 104 21.85 -8.03 6.49
C VAL D 104 22.00 -6.52 6.52
N GLU D 105 21.82 -5.86 7.67
CA GLU D 105 21.83 -4.40 7.69
C GLU D 105 23.08 -3.82 7.04
N SER D 106 24.22 -4.49 7.16
CA SER D 106 25.47 -3.84 6.74
C SER D 106 25.59 -3.69 5.22
N PHE D 107 24.89 -4.51 4.42
CA PHE D 107 24.94 -4.41 2.96
C PHE D 107 23.60 -4.02 2.33
N THR D 108 22.60 -3.67 3.12
CA THR D 108 21.29 -3.30 2.63
C THR D 108 20.95 -1.91 3.16
N VAL D 109 20.58 -1.86 4.44
CA VAL D 109 20.27 -0.60 5.11
C VAL D 109 21.39 0.40 4.94
N GLN D 110 22.64 -0.06 5.02
CA GLN D 110 23.80 0.84 4.97
C GLN D 110 24.34 1.04 3.56
N ARG D 111 23.73 0.43 2.55
CA ARG D 111 24.26 0.49 1.20
C ARG D 111 24.12 1.89 0.64
N ARG D 112 25.22 2.43 0.09
CA ARG D 112 25.22 3.76 -0.51
C ARG D 112 26.06 3.69 -1.77
N VAL D 113 25.47 4.05 -2.90
CA VAL D 113 26.15 4.07 -4.19
C VAL D 113 25.84 5.41 -4.84
N GLU D 114 26.89 6.14 -5.17
CA GLU D 114 26.76 7.51 -5.69
C GLU D 114 26.35 7.49 -7.17
N PRO D 115 25.40 8.32 -7.59
CA PRO D 115 25.01 8.33 -9.00
C PRO D 115 26.09 8.93 -9.89
N LYS D 116 26.13 8.45 -11.12
CA LYS D 116 26.85 9.10 -12.20
C LYS D 116 25.86 10.02 -12.92
N VAL D 117 26.22 11.30 -13.06
CA VAL D 117 25.33 12.32 -13.62
C VAL D 117 25.93 12.82 -14.92
N THR D 118 25.14 12.85 -15.98
CA THR D 118 25.56 13.45 -17.23
C THR D 118 24.41 14.26 -17.80
N VAL D 119 24.73 15.19 -18.69
CA VAL D 119 23.71 16.00 -19.34
C VAL D 119 23.95 15.90 -20.83
N TYR D 120 22.89 15.62 -21.59
CA TYR D 120 22.97 15.70 -23.04
C TYR D 120 21.72 16.37 -23.59
N PRO D 121 21.81 16.98 -24.75
CA PRO D 121 20.62 17.58 -25.38
C PRO D 121 19.83 16.57 -26.21
N SER D 122 18.54 16.84 -26.34
CA SER D 122 17.66 16.02 -27.16
C SER D 122 16.57 16.91 -27.75
N LYS D 123 15.52 16.30 -28.29
CA LYS D 123 14.47 17.03 -28.99
C LYS D 123 13.11 16.44 -28.67
N THR D 124 12.10 17.30 -28.51
CA THR D 124 10.73 16.82 -28.41
C THR D 124 10.16 16.46 -29.78
N GLN D 125 10.65 17.11 -30.83
CA GLN D 125 10.20 16.94 -32.20
C GLN D 125 11.42 16.68 -33.07
N PRO D 126 11.41 15.62 -33.87
CA PRO D 126 12.67 15.14 -34.47
C PRO D 126 13.24 16.08 -35.53
N LEU D 127 12.42 16.87 -36.19
CA LEU D 127 12.90 17.63 -37.34
C LEU D 127 13.34 19.04 -36.99
N GLN D 128 13.24 19.44 -35.72
CA GLN D 128 13.56 20.78 -35.34
C GLN D 128 14.86 20.80 -34.51
N HIS D 129 15.06 21.84 -33.70
CA HIS D 129 16.30 22.07 -32.99
C HIS D 129 16.29 21.37 -31.63
N HIS D 130 17.48 21.27 -31.02
CA HIS D 130 17.59 20.75 -29.65
C HIS D 130 16.81 21.66 -28.72
N ASN D 131 15.85 21.08 -28.01
CA ASN D 131 15.02 21.86 -27.10
C ASN D 131 14.71 21.07 -25.83
N LEU D 132 15.50 20.06 -25.52
CA LEU D 132 15.25 19.22 -24.36
C LEU D 132 16.60 18.85 -23.78
N LEU D 133 16.89 19.31 -22.58
CA LEU D 133 18.14 18.99 -21.89
C LEU D 133 17.86 17.82 -20.95
N VAL D 134 18.61 16.74 -21.12
CA VAL D 134 18.37 15.51 -20.36
C VAL D 134 19.43 15.39 -19.29
N CYS D 135 18.99 15.31 -18.03
CA CYS D 135 19.90 15.04 -16.92
C CYS D 135 19.76 13.56 -16.61
N SER D 136 20.80 12.79 -16.89
CA SER D 136 20.77 11.35 -16.64
C SER D 136 21.46 11.08 -15.30
N VAL D 137 20.74 10.47 -14.37
CA VAL D 137 21.26 10.16 -13.06
C VAL D 137 21.22 8.65 -12.93
N SER D 138 22.37 7.99 -12.90
CA SER D 138 22.32 6.53 -13.02
C SER D 138 23.20 5.82 -12.01
N GLY D 139 22.78 4.60 -11.67
CA GLY D 139 23.58 3.72 -10.85
C GLY D 139 23.55 3.95 -9.37
N PHE D 140 22.53 4.63 -8.84
CA PHE D 140 22.58 5.06 -7.44
C PHE D 140 21.76 4.13 -6.54
N TYR D 141 22.06 4.19 -5.24
CA TYR D 141 21.34 3.45 -4.21
C TYR D 141 21.53 4.19 -2.90
N PRO D 142 20.48 4.41 -2.09
CA PRO D 142 19.11 3.96 -2.34
C PRO D 142 18.31 4.88 -3.25
N GLY D 143 16.99 4.71 -3.29
CA GLY D 143 16.19 5.36 -4.31
C GLY D 143 15.85 6.81 -4.07
N SER D 144 15.97 7.30 -2.84
CA SER D 144 15.62 8.69 -2.57
C SER D 144 16.60 9.61 -3.29
N ILE D 145 16.07 10.50 -4.13
CA ILE D 145 16.90 11.42 -4.89
C ILE D 145 16.12 12.70 -5.12
N GLU D 146 16.85 13.81 -5.32
CA GLU D 146 16.23 15.05 -5.74
C GLU D 146 17.07 15.64 -6.88
N VAL D 147 16.41 16.02 -7.97
CA VAL D 147 17.08 16.56 -9.15
C VAL D 147 16.43 17.89 -9.50
N ARG D 148 17.24 18.94 -9.64
CA ARG D 148 16.75 20.28 -9.94
C ARG D 148 17.51 20.85 -11.12
N TRP D 149 16.80 21.63 -11.92
CA TRP D 149 17.39 22.29 -13.08
C TRP D 149 17.52 23.79 -12.81
N PHE D 150 18.65 24.36 -13.26
CA PHE D 150 18.92 25.79 -13.15
C PHE D 150 19.31 26.35 -14.50
N ARG D 151 18.83 27.55 -14.80
CA ARG D 151 19.27 28.33 -15.96
C ARG D 151 19.94 29.60 -15.42
N ASN D 152 21.24 29.75 -15.72
CA ASN D 152 22.04 30.89 -15.26
C ASN D 152 21.95 31.08 -13.75
N GLY D 153 21.93 29.96 -13.03
CA GLY D 153 21.92 29.97 -11.57
C GLY D 153 20.56 30.11 -10.93
N GLN D 154 19.50 30.27 -11.70
CA GLN D 154 18.16 30.44 -11.15
C GLN D 154 17.33 29.20 -11.47
N GLU D 155 16.70 28.59 -10.46
CA GLU D 155 16.00 27.33 -10.69
C GLU D 155 14.86 27.52 -11.68
N GLU D 156 14.71 26.54 -12.58
CA GLU D 156 13.61 26.50 -13.53
C GLU D 156 12.76 25.29 -13.18
N LYS D 157 11.52 25.54 -12.78
CA LYS D 157 10.59 24.49 -12.40
C LYS D 157 9.57 24.15 -13.48
N ALA D 158 9.39 25.00 -14.49
CA ALA D 158 8.49 24.73 -15.59
C ALA D 158 9.18 23.95 -16.69
N GLY D 159 8.40 23.11 -17.39
CA GLY D 159 8.90 22.36 -18.52
C GLY D 159 9.73 21.14 -18.16
N VAL D 160 9.59 20.63 -16.94
CA VAL D 160 10.37 19.48 -16.48
C VAL D 160 9.50 18.23 -16.50
N VAL D 161 10.02 17.17 -17.10
CA VAL D 161 9.35 15.88 -17.18
C VAL D 161 10.43 14.84 -16.93
N SER D 162 10.01 13.65 -16.48
CA SER D 162 11.03 12.69 -16.07
C SER D 162 10.53 11.26 -16.32
N THR D 163 11.46 10.31 -16.32
CA THR D 163 11.05 8.91 -16.33
C THR D 163 10.44 8.47 -15.01
N GLY D 164 10.63 9.24 -13.95
CA GLY D 164 10.38 8.71 -12.63
C GLY D 164 11.54 7.82 -12.18
N LEU D 165 11.40 7.25 -11.00
CA LEU D 165 12.46 6.44 -10.41
C LEU D 165 12.42 5.03 -11.00
N ILE D 166 13.51 4.60 -11.61
CA ILE D 166 13.53 3.31 -12.31
C ILE D 166 14.43 2.36 -11.53
N GLN D 167 13.87 1.21 -11.13
CA GLN D 167 14.63 0.17 -10.46
C GLN D 167 15.28 -0.73 -11.51
N ASN D 168 16.60 -0.90 -11.46
CA ASN D 168 17.25 -1.70 -12.49
C ASN D 168 17.26 -3.18 -12.18
N GLY D 169 16.88 -3.58 -10.98
CA GLY D 169 16.86 -4.98 -10.59
C GLY D 169 18.17 -5.49 -10.03
N ASP D 170 19.21 -4.67 -10.01
CA ASP D 170 20.56 -5.07 -9.59
C ASP D 170 21.04 -4.22 -8.42
N TRP D 171 20.10 -3.76 -7.58
CA TRP D 171 20.41 -2.88 -6.45
C TRP D 171 20.97 -1.52 -6.91
N THR D 172 20.57 -1.06 -8.08
CA THR D 172 20.81 0.33 -8.48
C THR D 172 19.53 0.90 -9.08
N PHE D 173 19.45 2.22 -9.06
CA PHE D 173 18.33 2.97 -9.63
C PHE D 173 18.86 3.91 -10.71
N GLN D 174 17.95 4.38 -11.56
CA GLN D 174 18.28 5.46 -12.47
C GLN D 174 17.04 6.33 -12.69
N THR D 175 17.29 7.55 -13.20
CA THR D 175 16.20 8.41 -13.65
C THR D 175 16.74 9.35 -14.72
N LEU D 176 15.86 9.78 -15.62
CA LEU D 176 16.14 10.88 -16.55
C LEU D 176 15.22 12.03 -16.17
N VAL D 177 15.80 13.22 -16.02
CA VAL D 177 15.03 14.42 -15.69
C VAL D 177 15.35 15.44 -16.77
N MET D 178 14.34 15.83 -17.52
CA MET D 178 14.49 16.54 -18.78
C MET D 178 13.87 17.91 -18.67
N LEU D 179 14.59 18.93 -19.19
CA LEU D 179 14.12 20.31 -19.18
C LEU D 179 13.82 20.72 -20.61
N GLU D 180 12.59 21.15 -20.86
CA GLU D 180 12.25 21.68 -22.18
C GLU D 180 12.53 23.18 -22.15
N THR D 181 13.38 23.62 -23.08
CA THR D 181 13.87 24.99 -23.10
C THR D 181 14.40 25.24 -24.50
N VAL D 182 14.45 26.50 -24.90
CA VAL D 182 15.14 26.88 -26.13
C VAL D 182 16.50 27.44 -25.71
N PRO D 183 17.61 26.75 -25.99
CA PRO D 183 18.91 27.22 -25.55
C PRO D 183 19.29 28.48 -26.32
N ARG D 184 19.76 29.48 -25.58
CA ARG D 184 20.23 30.72 -26.19
C ARG D 184 21.73 30.83 -25.97
N SER D 185 22.40 31.48 -26.93
CA SER D 185 23.84 31.71 -26.84
C SER D 185 24.25 32.23 -25.46
N GLY D 186 25.21 31.54 -24.86
CA GLY D 186 25.79 31.98 -23.61
C GLY D 186 25.08 31.47 -22.36
N GLU D 187 23.90 30.90 -22.49
CA GLU D 187 23.22 30.34 -21.33
C GLU D 187 24.02 29.17 -20.77
N VAL D 188 24.07 29.10 -19.44
CA VAL D 188 24.61 27.95 -18.74
C VAL D 188 23.46 27.27 -18.00
N TYR D 189 23.27 25.98 -18.27
CA TYR D 189 22.29 25.16 -17.55
C TYR D 189 23.01 24.24 -16.57
N THR D 190 22.45 24.09 -15.38
CA THR D 190 23.03 23.23 -14.34
C THR D 190 21.99 22.22 -13.88
N CYS D 191 22.38 20.95 -13.86
CA CYS D 191 21.61 19.89 -13.20
C CYS D 191 22.21 19.71 -11.81
N GLN D 192 21.37 19.75 -10.77
CA GLN D 192 21.84 19.58 -9.40
C GLN D 192 21.16 18.36 -8.79
N VAL D 193 21.97 17.48 -8.21
CA VAL D 193 21.50 16.18 -7.72
C VAL D 193 21.86 16.07 -6.24
N GLU D 194 20.85 15.78 -5.41
CA GLU D 194 21.06 15.51 -4.00
C GLU D 194 20.72 14.05 -3.73
N HIS D 195 21.55 13.39 -2.92
CA HIS D 195 21.39 11.95 -2.71
C HIS D 195 22.10 11.58 -1.42
N PRO D 196 21.56 10.64 -0.63
CA PRO D 196 22.22 10.29 0.65
C PRO D 196 23.67 9.86 0.53
N SER D 197 24.16 9.52 -0.67
CA SER D 197 25.55 9.07 -0.79
C SER D 197 26.55 10.21 -0.75
N VAL D 198 26.10 11.46 -0.88
CA VAL D 198 27.02 12.59 -0.89
C VAL D 198 26.55 13.65 0.11
N THR D 199 27.52 14.32 0.73
CA THR D 199 27.18 15.39 1.67
C THR D 199 26.84 16.70 0.97
N SER D 200 27.45 16.97 -0.20
CA SER D 200 27.16 18.15 -1.00
C SER D 200 26.51 17.73 -2.31
N PRO D 201 25.64 18.57 -2.88
CA PRO D 201 25.00 18.21 -4.15
C PRO D 201 26.01 18.05 -5.28
N LEU D 202 25.70 17.12 -6.19
CA LEU D 202 26.46 16.98 -7.42
C LEU D 202 25.88 17.94 -8.46
N THR D 203 26.76 18.55 -9.25
CA THR D 203 26.31 19.48 -10.29
C THR D 203 27.03 19.18 -11.59
N VAL D 204 26.28 19.25 -12.70
CA VAL D 204 26.84 19.15 -14.04
C VAL D 204 26.31 20.33 -14.83
N GLU D 205 27.22 21.06 -15.48
CA GLU D 205 26.83 22.22 -16.28
C GLU D 205 26.78 21.85 -17.76
N TRP D 206 25.97 22.58 -18.50
CA TRP D 206 25.87 22.41 -19.94
C TRP D 206 25.76 23.80 -20.53
N ARG D 207 26.59 24.12 -21.52
CA ARG D 207 26.60 25.45 -22.10
C ARG D 207 25.98 25.39 -23.49
N ALA D 208 25.09 26.32 -23.77
CA ALA D 208 24.28 26.29 -24.99
C ALA D 208 25.08 26.62 -26.26
N PRO E 1 -5.99 34.00 12.52
CA PRO E 1 -5.93 34.06 11.06
C PRO E 1 -6.09 32.67 10.44
N VAL E 2 -7.32 32.30 10.07
CA VAL E 2 -7.57 30.95 9.60
C VAL E 2 -6.87 30.71 8.26
N SER E 3 -6.25 29.54 8.12
CA SER E 3 -5.61 29.16 6.86
C SER E 3 -6.64 28.68 5.85
N LYS E 4 -6.43 29.02 4.57
CA LYS E 4 -7.39 28.65 3.52
C LYS E 4 -6.87 27.46 2.75
N MET E 5 -7.59 26.35 2.82
CA MET E 5 -7.19 25.17 2.07
C MET E 5 -7.56 25.32 0.60
N ARG E 6 -6.78 24.67 -0.25
CA ARG E 6 -6.99 24.70 -1.68
C ARG E 6 -7.45 23.33 -2.17
N MET E 7 -8.21 23.33 -3.24
CA MET E 7 -8.60 22.08 -3.89
C MET E 7 -7.91 21.96 -5.23
N ALA E 8 -7.69 20.72 -5.64
CA ALA E 8 -7.24 20.45 -6.99
C ALA E 8 -8.47 20.16 -7.85
N THR E 9 -8.38 20.53 -9.13
CA THR E 9 -9.53 20.45 -10.02
CA THR E 9 -9.53 20.44 -10.02
C THR E 9 -9.33 19.35 -11.05
N PRO E 10 -10.30 18.44 -11.22
CA PRO E 10 -10.18 17.40 -12.24
C PRO E 10 -10.09 18.01 -13.62
N LEU E 11 -9.39 17.32 -14.52
CA LEU E 11 -9.39 17.69 -15.93
C LEU E 11 -10.62 17.09 -16.64
N LEU E 12 -11.20 17.86 -17.55
CA LEU E 12 -12.34 17.39 -18.32
C LEU E 12 -11.88 16.49 -19.48
N MET E 13 -12.60 15.39 -19.69
CA MET E 13 -12.29 14.54 -20.83
C MET E 13 -12.90 15.11 -22.10
N GLN E 14 -12.38 14.65 -23.24
CA GLN E 14 -13.01 14.95 -24.53
C GLN E 14 -14.35 14.21 -24.67
N ALA E 15 -15.36 14.90 -25.19
CA ALA E 15 -16.71 14.30 -25.24
C ALA E 15 -16.92 13.38 -26.44
N PRO F 1 33.48 -13.03 9.47
CA PRO F 1 32.24 -13.07 10.26
C PRO F 1 31.01 -13.08 9.35
N VAL F 2 30.43 -14.26 9.12
CA VAL F 2 29.32 -14.39 8.19
C VAL F 2 28.05 -14.72 8.97
N SER F 3 27.07 -13.82 8.90
CA SER F 3 25.83 -13.98 9.66
C SER F 3 24.91 -14.99 8.98
N LYS F 4 24.22 -15.79 9.79
CA LYS F 4 23.31 -16.81 9.26
C LYS F 4 21.89 -16.28 9.22
N MET F 5 21.34 -16.17 8.03
CA MET F 5 19.96 -15.75 7.90
C MET F 5 19.03 -16.89 8.31
N ARG F 6 17.89 -16.54 8.89
CA ARG F 6 16.90 -17.52 9.28
C ARG F 6 15.68 -17.45 8.37
N MET F 7 15.00 -18.59 8.23
CA MET F 7 13.75 -18.66 7.50
C MET F 7 12.60 -18.89 8.47
N ALA F 8 11.43 -18.39 8.09
CA ALA F 8 10.20 -18.76 8.75
C ALA F 8 9.59 -19.96 8.04
N THR F 9 8.95 -20.85 8.80
CA THR F 9 8.39 -22.04 8.14
C THR F 9 6.87 -21.96 8.08
N PRO F 10 6.29 -22.29 6.92
CA PRO F 10 4.83 -22.32 6.80
C PRO F 10 4.20 -23.36 7.70
N LEU F 11 3.03 -23.05 8.22
CA LEU F 11 2.26 -24.05 8.95
C LEU F 11 1.54 -24.98 7.99
N LEU F 12 1.49 -26.27 8.35
CA LEU F 12 0.73 -27.23 7.57
C LEU F 12 -0.77 -27.12 7.85
N MET F 13 -1.56 -27.16 6.77
CA MET F 13 -3.00 -27.22 6.90
C MET F 13 -3.45 -28.63 7.29
N GLN F 14 -4.69 -28.72 7.78
CA GLN F 14 -5.33 -30.01 8.01
C GLN F 14 -5.61 -30.71 6.68
N ALA F 15 -5.15 -31.95 6.53
CA ALA F 15 -5.34 -32.67 5.28
C ALA F 15 -6.63 -33.49 5.29
#